data_8JFH
#
_entry.id   8JFH
#
_cell.length_a   67.942
_cell.length_b   117.259
_cell.length_c   142.258
_cell.angle_alpha   90.00
_cell.angle_beta   90.00
_cell.angle_gamma   90.00
#
_symmetry.space_group_name_H-M   'P 21 21 21'
#
loop_
_entity.id
_entity.type
_entity.pdbx_description
1 polymer '3-oxoacyl-[acyl-carrier-protein] reductase'
2 polymer 'Acyl carrier protein'
3 non-polymer 'NADP NICOTINAMIDE-ADENINE-DINUCLEOTIDE PHOSPHATE'
4 non-polymer '~{S}-[2-[3-[[(2~{S})-3,3-dimethyl-2-oxidanyl-4-phosphonooxy-butanoyl]amino]propanoylamino]ethyl] 3-oxidanylideneoctanethioate'
5 non-polymer N~3~-[(2S)-2-hydroxy-3,3-dimethyl-4-(phosphonooxy)butanoyl]-N-(2-sulfanylethyl)-beta-alaninamide
6 water water
#
loop_
_entity_poly.entity_id
_entity_poly.type
_entity_poly.pdbx_seq_one_letter_code
_entity_poly.pdbx_strand_id
1 'polypeptide(L)'
;SMQFTGKNVLITGASKGIGAEIARTLASMGLKVWINYRSNAEVADALKNELEEKGYKAAVIKFDAASESDFVEAIQAIVQ
SDGGLSYLVNNAGVVRDKLAIKMKTEDFHHVIDNNLTSAFIGCREALKVMSKSRFGSVVNIASIIGERGNMGQTNYSASK
GGMIAMSKSFAYEGALRNIRFNSVTPGFIETDMNANLKDELKADYVKNIPLNRLGAAKEVAEAVAFLLSDHSSYITGETL
KVNGGLYM
;
A,B,C,D
2 'polypeptide(L)'
;SSMGYLMALFEDIQAVIAEQLNVDAAQVTPEAEFVKDLGADSLDVVELIMALEEKFGIEIPDEQAEKIVNVGDVVKYIED
NKLA
;
E,F
#
loop_
_chem_comp.id
_chem_comp.type
_chem_comp.name
_chem_comp.formula
NAP non-polymer 'NADP NICOTINAMIDE-ADENINE-DINUCLEOTIDE PHOSPHATE' 'C21 H28 N7 O17 P3'
PN7 non-polymer N~3~-[(2S)-2-hydroxy-3,3-dimethyl-4-(phosphonooxy)butanoyl]-N-(2-sulfanylethyl)-beta-alaninamide 'C11 H23 N2 O7 P S'
UHC non-polymer '~{S}-[2-[3-[[(2~{S})-3,3-dimethyl-2-oxidanyl-4-phosphonooxy-butanoyl]amino]propanoylamino]ethyl] 3-oxidanylideneoctanethioate' 'C19 H35 N2 O9 P S'
#
# COMPACT_ATOMS: atom_id res chain seq x y z
N SER A 1 0.52 -29.36 -1.48
CA SER A 1 0.03 -29.25 -0.12
C SER A 1 1.04 -28.47 0.73
N MET A 2 0.84 -28.47 2.05
CA MET A 2 1.57 -27.52 2.89
C MET A 2 1.82 -28.13 4.27
N GLN A 3 2.89 -27.67 4.90
CA GLN A 3 3.37 -28.20 6.17
C GLN A 3 2.81 -27.39 7.33
N PHE A 4 2.29 -28.07 8.36
CA PHE A 4 1.73 -27.43 9.55
C PHE A 4 2.30 -28.03 10.83
N THR A 5 2.88 -27.18 11.68
CA THR A 5 3.26 -27.64 13.00
C THR A 5 2.06 -27.78 13.93
N GLY A 6 1.05 -26.92 13.77
CA GLY A 6 -0.15 -27.03 14.57
C GLY A 6 -1.06 -28.15 14.10
N LYS A 7 -2.05 -28.49 14.94
CA LYS A 7 -2.86 -29.68 14.72
C LYS A 7 -4.31 -29.41 14.37
N ASN A 8 -4.86 -28.25 14.74
CA ASN A 8 -6.29 -28.03 14.59
C ASN A 8 -6.56 -26.57 14.26
N VAL A 9 -7.76 -26.30 13.75
CA VAL A 9 -8.12 -24.95 13.33
C VAL A 9 -9.62 -24.77 13.54
N LEU A 10 -10.01 -23.58 13.98
CA LEU A 10 -11.41 -23.19 14.04
C LEU A 10 -11.67 -22.17 12.93
N ILE A 11 -12.71 -22.41 12.14
CA ILE A 11 -13.12 -21.51 11.06
C ILE A 11 -14.51 -21.00 11.35
N THR A 12 -14.66 -19.70 11.56
CA THR A 12 -15.99 -19.17 11.81
C THR A 12 -16.76 -19.05 10.50
N GLY A 13 -18.08 -19.23 10.59
CA GLY A 13 -18.95 -19.18 9.43
C GLY A 13 -18.50 -20.12 8.31
N ALA A 14 -18.31 -21.39 8.66
CA ALA A 14 -17.65 -22.34 7.77
C ALA A 14 -18.63 -23.30 7.09
N SER A 15 -19.95 -23.05 7.17
CA SER A 15 -20.85 -24.08 6.69
CA SER A 15 -20.96 -23.98 6.68
C SER A 15 -20.95 -24.09 5.16
N LYS A 16 -20.75 -22.96 4.48
CA LYS A 16 -20.83 -22.92 3.03
C LYS A 16 -19.82 -21.96 2.42
N GLY A 17 -19.81 -21.95 1.09
CA GLY A 17 -19.06 -20.96 0.36
C GLY A 17 -17.57 -21.05 0.64
N ILE A 18 -16.94 -19.88 0.73
CA ILE A 18 -15.52 -19.81 1.01
C ILE A 18 -15.17 -20.46 2.34
N GLY A 19 -15.96 -20.23 3.39
CA GLY A 19 -15.66 -20.86 4.66
C GLY A 19 -15.63 -22.38 4.59
N ALA A 20 -16.60 -22.97 3.89
CA ALA A 20 -16.60 -24.42 3.78
C ALA A 20 -15.40 -24.90 2.98
N GLU A 21 -14.98 -24.14 1.98
CA GLU A 21 -13.83 -24.57 1.19
C GLU A 21 -12.54 -24.42 2.00
N ILE A 22 -12.45 -23.43 2.89
CA ILE A 22 -11.30 -23.38 3.78
C ILE A 22 -11.28 -24.64 4.64
N ALA A 23 -12.44 -25.04 5.18
CA ALA A 23 -12.47 -26.26 5.98
C ALA A 23 -12.04 -27.47 5.15
N ARG A 24 -12.54 -27.55 3.92
CA ARG A 24 -12.23 -28.67 3.05
C ARG A 24 -10.74 -28.73 2.74
N THR A 25 -10.16 -27.58 2.37
CA THR A 25 -8.74 -27.53 2.04
C THR A 25 -7.88 -27.86 3.25
N LEU A 26 -8.15 -27.23 4.41
CA LEU A 26 -7.30 -27.46 5.57
C LEU A 26 -7.46 -28.88 6.09
N ALA A 27 -8.67 -29.44 6.01
CA ALA A 27 -8.85 -30.84 6.40
C ALA A 27 -8.02 -31.76 5.51
N SER A 28 -7.98 -31.45 4.21
CA SER A 28 -7.22 -32.31 3.29
C SER A 28 -5.73 -32.23 3.54
N MET A 29 -5.22 -31.18 4.19
CA MET A 29 -3.80 -31.13 4.54
C MET A 29 -3.51 -31.61 5.96
N GLY A 30 -4.46 -32.29 6.61
CA GLY A 30 -4.16 -32.99 7.83
C GLY A 30 -4.64 -32.34 9.11
N LEU A 31 -5.19 -31.13 9.04
CA LEU A 31 -5.64 -30.45 10.24
C LEU A 31 -7.01 -30.98 10.66
N LYS A 32 -7.23 -31.04 11.96
CA LYS A 32 -8.59 -31.26 12.46
C LYS A 32 -9.33 -29.93 12.34
N VAL A 33 -10.43 -29.91 11.57
CA VAL A 33 -11.13 -28.65 11.33
C VAL A 33 -12.40 -28.60 12.17
N TRP A 34 -12.60 -27.45 12.82
CA TRP A 34 -13.82 -27.15 13.56
C TRP A 34 -14.67 -26.20 12.73
N ILE A 35 -15.85 -26.68 12.35
CA ILE A 35 -16.75 -26.01 11.43
C ILE A 35 -17.77 -25.26 12.29
N ASN A 36 -17.56 -23.95 12.46
CA ASN A 36 -18.59 -23.05 12.97
C ASN A 36 -19.81 -22.85 12.09
N TYR A 37 -20.98 -22.91 12.73
CA TYR A 37 -22.23 -22.47 12.10
C TYR A 37 -23.09 -21.81 13.18
N ARG A 38 -23.98 -20.88 12.78
CA ARG A 38 -24.92 -20.30 13.74
C ARG A 38 -26.28 -20.97 13.74
N SER A 39 -26.86 -21.16 12.57
CA SER A 39 -28.30 -21.37 12.54
C SER A 39 -28.62 -22.82 12.26
N ASN A 40 -29.05 -23.12 11.04
CA ASN A 40 -29.40 -24.48 10.71
C ASN A 40 -28.15 -25.35 10.53
N ALA A 41 -28.17 -26.53 11.14
CA ALA A 41 -27.02 -27.41 11.29
C ALA A 41 -26.88 -28.42 10.16
N GLU A 42 -27.90 -28.57 9.31
CA GLU A 42 -27.85 -29.65 8.31
C GLU A 42 -26.74 -29.44 7.31
N VAL A 43 -26.52 -28.21 6.85
CA VAL A 43 -25.45 -27.97 5.89
C VAL A 43 -24.08 -28.20 6.54
N ALA A 44 -23.92 -27.72 7.78
CA ALA A 44 -22.65 -27.94 8.48
C ALA A 44 -22.42 -29.42 8.76
N ASP A 45 -23.46 -30.15 9.17
CA ASP A 45 -23.29 -31.58 9.43
C ASP A 45 -22.91 -32.32 8.15
N ALA A 46 -23.47 -31.90 7.03
CA ALA A 46 -23.17 -32.55 5.77
C ALA A 46 -21.72 -32.31 5.36
N LEU A 47 -21.24 -31.09 5.59
CA LEU A 47 -19.81 -30.81 5.35
C LEU A 47 -18.93 -31.69 6.24
N LYS A 48 -19.24 -31.76 7.53
CA LYS A 48 -18.47 -32.60 8.44
C LYS A 48 -18.49 -34.05 8.00
N ASN A 49 -19.65 -34.57 7.61
CA ASN A 49 -19.73 -35.93 7.09
C ASN A 49 -18.90 -36.10 5.81
N GLU A 50 -18.98 -35.12 4.91
CA GLU A 50 -18.19 -35.17 3.68
C GLU A 50 -16.72 -35.31 3.99
N LEU A 51 -16.22 -34.49 4.90
CA LEU A 51 -14.80 -34.50 5.22
C LEU A 51 -14.39 -35.79 5.92
N GLU A 52 -15.23 -36.30 6.85
CA GLU A 52 -14.87 -37.55 7.51
C GLU A 52 -14.89 -38.72 6.52
N GLU A 53 -15.83 -38.70 5.57
CA GLU A 53 -15.87 -39.75 4.55
C GLU A 53 -14.68 -39.67 3.61
N LYS A 54 -14.09 -38.48 3.47
CA LYS A 54 -12.85 -38.32 2.70
C LYS A 54 -11.61 -38.72 3.49
N GLY A 55 -11.77 -39.23 4.70
CA GLY A 55 -10.67 -39.68 5.53
C GLY A 55 -10.03 -38.62 6.38
N TYR A 56 -10.68 -37.46 6.53
CA TYR A 56 -10.14 -36.33 7.27
C TYR A 56 -10.78 -36.22 8.66
N LYS A 57 -10.29 -35.26 9.44
CA LYS A 57 -10.76 -35.02 10.80
C LYS A 57 -11.56 -33.73 10.83
N ALA A 58 -12.80 -33.80 11.28
CA ALA A 58 -13.69 -32.64 11.26
C ALA A 58 -14.70 -32.75 12.38
N ALA A 59 -15.14 -31.59 12.88
CA ALA A 59 -16.17 -31.52 13.90
C ALA A 59 -16.95 -30.22 13.69
N VAL A 60 -18.21 -30.20 14.12
CA VAL A 60 -19.02 -28.99 13.99
C VAL A 60 -19.11 -28.35 15.37
N ILE A 61 -19.34 -27.04 15.41
CA ILE A 61 -19.54 -26.35 16.68
C ILE A 61 -20.43 -25.14 16.45
N LYS A 62 -21.53 -25.05 17.21
CA LYS A 62 -22.52 -24.01 16.99
C LYS A 62 -22.21 -22.82 17.90
N PHE A 63 -22.06 -21.64 17.31
CA PHE A 63 -22.02 -20.42 18.12
C PHE A 63 -22.15 -19.21 17.19
N ASP A 64 -22.58 -18.10 17.77
CA ASP A 64 -22.69 -16.82 17.08
C ASP A 64 -21.35 -16.11 17.27
N ALA A 65 -20.60 -15.93 16.17
CA ALA A 65 -19.26 -15.36 16.30
C ALA A 65 -19.28 -13.88 16.66
N ALA A 66 -20.44 -13.24 16.59
CA ALA A 66 -20.59 -11.86 17.04
C ALA A 66 -20.91 -11.76 18.53
N SER A 67 -21.10 -12.88 19.22
CA SER A 67 -21.41 -12.92 20.64
C SER A 67 -20.17 -13.24 21.46
N GLU A 68 -19.77 -12.32 22.35
CA GLU A 68 -18.53 -12.52 23.13
C GLU A 68 -18.57 -13.80 23.94
N SER A 69 -19.61 -13.99 24.76
CA SER A 69 -19.68 -15.18 25.62
C SER A 69 -19.72 -16.46 24.80
N ASP A 70 -20.48 -16.44 23.71
CA ASP A 70 -20.66 -17.63 22.88
C ASP A 70 -19.33 -18.03 22.22
N PHE A 71 -18.65 -17.06 21.64
CA PHE A 71 -17.37 -17.33 20.95
C PHE A 71 -16.33 -17.77 21.98
N VAL A 72 -16.26 -17.07 23.09
CA VAL A 72 -15.28 -17.39 24.12
C VAL A 72 -15.48 -18.80 24.62
N GLU A 73 -16.74 -19.16 24.91
CA GLU A 73 -17.02 -20.50 25.42
C GLU A 73 -16.73 -21.59 24.39
N ALA A 74 -16.95 -21.28 23.11
CA ALA A 74 -16.66 -22.26 22.06
C ALA A 74 -15.17 -22.58 21.99
N ILE A 75 -14.32 -21.56 22.07
CA ILE A 75 -12.89 -21.82 22.03
C ILE A 75 -12.47 -22.59 23.28
N GLN A 76 -13.05 -22.25 24.44
CA GLN A 76 -12.74 -23.01 25.64
C GLN A 76 -13.07 -24.49 25.44
N ALA A 77 -14.20 -24.79 24.79
CA ALA A 77 -14.62 -26.17 24.60
C ALA A 77 -13.67 -26.90 23.66
N ILE A 78 -13.17 -26.21 22.63
CA ILE A 78 -12.21 -26.83 21.72
C ILE A 78 -10.90 -27.12 22.45
N VAL A 79 -10.43 -26.17 23.25
CA VAL A 79 -9.20 -26.38 24.03
C VAL A 79 -9.37 -27.58 24.95
N GLN A 80 -10.56 -27.74 25.54
CA GLN A 80 -10.79 -28.89 26.41
C GLN A 80 -10.82 -30.20 25.63
N SER A 81 -11.40 -30.18 24.42
CA SER A 81 -11.49 -31.40 23.62
C SER A 81 -10.13 -31.79 23.04
N ASP A 82 -9.41 -30.82 22.50
CA ASP A 82 -8.23 -31.09 21.68
C ASP A 82 -6.92 -30.85 22.41
N GLY A 83 -6.95 -30.21 23.58
CA GLY A 83 -5.74 -29.81 24.29
C GLY A 83 -5.24 -28.42 23.95
N GLY A 84 -5.85 -27.75 22.98
CA GLY A 84 -5.37 -26.44 22.58
C GLY A 84 -5.97 -26.08 21.25
N LEU A 85 -5.51 -24.95 20.72
CA LEU A 85 -5.99 -24.48 19.42
C LEU A 85 -4.84 -23.79 18.72
N SER A 86 -4.39 -24.40 17.60
CA SER A 86 -3.22 -23.90 16.86
C SER A 86 -3.58 -22.72 15.96
N TYR A 87 -4.75 -22.77 15.35
CA TYR A 87 -5.07 -21.92 14.20
C TYR A 87 -6.49 -21.40 14.31
N LEU A 88 -6.70 -20.16 13.82
CA LEU A 88 -8.04 -19.59 13.77
C LEU A 88 -8.23 -18.85 12.46
N VAL A 89 -9.40 -19.02 11.84
CA VAL A 89 -9.75 -18.27 10.63
C VAL A 89 -11.04 -17.53 10.94
N ASN A 90 -10.98 -16.19 10.94
CA ASN A 90 -12.16 -15.34 11.13
C ASN A 90 -12.76 -15.09 9.75
N ASN A 91 -13.77 -15.89 9.38
CA ASN A 91 -14.43 -15.81 8.08
C ASN A 91 -15.86 -15.32 8.19
N ALA A 92 -16.48 -15.41 9.37
CA ALA A 92 -17.87 -14.99 9.53
C ALA A 92 -18.05 -13.55 9.09
N GLY A 93 -19.09 -13.31 8.29
CA GLY A 93 -19.36 -11.97 7.82
C GLY A 93 -20.64 -11.97 7.02
N VAL A 94 -21.28 -10.79 6.98
CA VAL A 94 -22.51 -10.59 6.23
C VAL A 94 -22.35 -9.35 5.35
N VAL A 95 -23.20 -9.26 4.34
CA VAL A 95 -23.32 -8.06 3.52
C VAL A 95 -24.75 -7.55 3.63
N ARG A 96 -24.92 -6.22 3.62
CA ARG A 96 -26.24 -5.59 3.49
C ARG A 96 -25.99 -4.35 2.65
N ASP A 97 -25.85 -4.55 1.34
CA ASP A 97 -25.51 -3.45 0.44
C ASP A 97 -26.68 -2.51 0.24
N LYS A 98 -26.37 -1.21 0.18
CA LYS A 98 -27.31 -0.22 -0.30
C LYS A 98 -26.58 1.12 -0.31
N LEU A 99 -27.04 2.01 -1.18
CA LEU A 99 -26.48 3.36 -1.16
C LEU A 99 -26.62 3.98 0.22
N ALA A 100 -25.65 4.80 0.62
CA ALA A 100 -25.62 5.30 2.00
C ALA A 100 -26.85 6.12 2.34
N ILE A 101 -27.37 6.93 1.39
CA ILE A 101 -28.53 7.75 1.72
C ILE A 101 -29.78 6.93 1.96
N LYS A 102 -29.74 5.65 1.63
CA LYS A 102 -30.89 4.78 1.93
C LYS A 102 -30.57 3.84 3.08
N MET A 103 -29.49 4.12 3.83
CA MET A 103 -29.00 3.19 4.84
C MET A 103 -29.20 3.78 6.24
N LYS A 104 -30.02 3.12 7.06
CA LYS A 104 -30.19 3.51 8.44
C LYS A 104 -28.93 3.16 9.22
N THR A 105 -28.68 3.88 10.32
CA THR A 105 -27.53 3.53 11.14
C THR A 105 -27.65 2.10 11.66
N GLU A 106 -28.90 1.62 11.78
CA GLU A 106 -29.18 0.21 12.04
C GLU A 106 -28.50 -0.71 11.04
N ASP A 107 -28.64 -0.40 9.75
CA ASP A 107 -28.04 -1.21 8.70
C ASP A 107 -26.52 -1.13 8.76
N PHE A 108 -26.00 0.01 9.23
CA PHE A 108 -24.57 0.18 9.41
C PHE A 108 -24.07 -0.65 10.59
N HIS A 109 -24.70 -0.48 11.76
CA HIS A 109 -24.28 -1.18 12.98
C HIS A 109 -24.28 -2.69 12.78
N HIS A 110 -25.32 -3.20 12.18
CA HIS A 110 -25.46 -4.67 12.00
C HIS A 110 -24.22 -5.25 11.31
N VAL A 111 -23.85 -4.64 10.21
CA VAL A 111 -22.68 -5.14 9.48
C VAL A 111 -21.40 -4.91 10.27
N ILE A 112 -21.23 -3.73 10.86
CA ILE A 112 -20.06 -3.45 11.67
C ILE A 112 -19.95 -4.46 12.81
N ASP A 113 -21.02 -4.60 13.60
CA ASP A 113 -20.96 -5.46 14.77
C ASP A 113 -20.73 -6.90 14.36
N ASN A 114 -21.39 -7.34 13.29
CA ASN A 114 -21.28 -8.73 12.89
C ASN A 114 -19.92 -9.05 12.30
N ASN A 115 -19.34 -8.12 11.54
CA ASN A 115 -18.17 -8.44 10.74
C ASN A 115 -16.87 -8.09 11.41
N LEU A 116 -16.86 -7.01 12.18
CA LEU A 116 -15.63 -6.52 12.77
C LEU A 116 -15.49 -6.92 14.23
N THR A 117 -16.55 -6.79 15.02
CA THR A 117 -16.47 -7.22 16.41
C THR A 117 -16.26 -8.73 16.53
N SER A 118 -16.82 -9.52 15.61
CA SER A 118 -16.56 -10.97 15.65
C SER A 118 -15.07 -11.24 15.49
N ALA A 119 -14.43 -10.57 14.53
CA ALA A 119 -13.01 -10.80 14.35
C ALA A 119 -12.23 -10.31 15.55
N PHE A 120 -12.69 -9.26 16.21
CA PHE A 120 -11.99 -8.79 17.41
C PHE A 120 -12.02 -9.87 18.49
N ILE A 121 -13.20 -10.44 18.74
CA ILE A 121 -13.31 -11.48 19.76
C ILE A 121 -12.42 -12.66 19.43
N GLY A 122 -12.47 -13.10 18.17
CA GLY A 122 -11.70 -14.27 17.79
C GLY A 122 -10.20 -14.04 17.95
N CYS A 123 -9.72 -12.88 17.47
CA CYS A 123 -8.29 -12.57 17.58
C CYS A 123 -7.87 -12.43 19.03
N ARG A 124 -8.72 -11.79 19.84
CA ARG A 124 -8.42 -11.62 21.26
C ARG A 124 -8.29 -12.97 21.94
N GLU A 125 -9.24 -13.87 21.68
CA GLU A 125 -9.19 -15.18 22.32
C GLU A 125 -8.02 -16.00 21.82
N ALA A 126 -7.67 -15.84 20.53
CA ALA A 126 -6.49 -16.52 20.01
C ALA A 126 -5.23 -16.11 20.76
N LEU A 127 -5.07 -14.80 21.05
CA LEU A 127 -3.96 -14.37 21.90
C LEU A 127 -3.97 -15.11 23.22
N LYS A 128 -5.14 -15.25 23.84
CA LYS A 128 -5.20 -15.91 25.14
C LYS A 128 -4.80 -17.38 25.05
N VAL A 129 -5.38 -18.13 24.12
CA VAL A 129 -5.19 -19.58 24.13
C VAL A 129 -3.91 -20.05 23.46
N MET A 130 -3.26 -19.20 22.67
CA MET A 130 -2.06 -19.54 21.91
C MET A 130 -0.79 -19.07 22.61
N SER A 131 -0.90 -18.23 23.64
N SER A 131 -0.92 -18.24 23.65
CA SER A 131 0.29 -17.58 24.20
CA SER A 131 0.22 -17.57 24.26
C SER A 131 1.17 -18.55 25.00
C SER A 131 1.14 -18.54 24.99
N LYS A 132 0.57 -19.43 25.81
CA LYS A 132 1.38 -20.32 26.63
C LYS A 132 2.31 -21.17 25.77
N SER A 133 1.79 -21.71 24.69
CA SER A 133 2.59 -22.58 23.83
C SER A 133 3.44 -21.81 22.85
N ARG A 134 3.36 -20.47 22.85
CA ARG A 134 4.21 -19.64 21.97
C ARG A 134 4.10 -20.10 20.52
N PHE A 135 2.87 -20.32 20.08
CA PHE A 135 2.69 -20.76 18.69
C PHE A 135 1.25 -20.54 18.25
N GLY A 136 1.07 -19.88 17.11
CA GLY A 136 -0.28 -19.81 16.55
C GLY A 136 -0.25 -19.06 15.23
N SER A 137 -1.31 -19.24 14.47
CA SER A 137 -1.48 -18.41 13.27
C SER A 137 -2.96 -18.15 13.08
N VAL A 138 -3.29 -16.90 12.76
CA VAL A 138 -4.67 -16.44 12.65
C VAL A 138 -4.82 -15.74 11.31
N VAL A 139 -5.85 -16.10 10.54
CA VAL A 139 -6.13 -15.43 9.28
C VAL A 139 -7.47 -14.75 9.36
N ASN A 140 -7.50 -13.47 9.00
CA ASN A 140 -8.75 -12.73 8.92
C ASN A 140 -9.15 -12.63 7.46
N ILE A 141 -10.37 -13.05 7.16
CA ILE A 141 -10.86 -13.04 5.77
C ILE A 141 -11.49 -11.67 5.54
N ALA A 142 -10.81 -10.81 4.80
CA ALA A 142 -11.34 -9.50 4.50
C ALA A 142 -11.88 -9.49 3.08
N SER A 143 -11.57 -8.43 2.33
CA SER A 143 -12.12 -8.28 0.98
C SER A 143 -11.40 -7.15 0.27
N ILE A 144 -11.34 -7.25 -1.06
CA ILE A 144 -10.94 -6.10 -1.88
C ILE A 144 -11.73 -4.85 -1.52
N ILE A 145 -12.98 -5.02 -1.09
N ILE A 145 -12.99 -5.02 -1.09
CA ILE A 145 -13.84 -3.88 -0.76
CA ILE A 145 -13.84 -3.89 -0.75
C ILE A 145 -13.27 -3.09 0.42
C ILE A 145 -13.25 -3.09 0.40
N GLY A 146 -12.56 -3.77 1.32
CA GLY A 146 -11.91 -3.05 2.41
C GLY A 146 -10.64 -2.32 2.03
N GLU A 147 -10.06 -2.68 0.89
CA GLU A 147 -8.86 -1.99 0.41
C GLU A 147 -9.18 -0.78 -0.44
N ARG A 148 -10.21 -0.85 -1.28
CA ARG A 148 -10.44 0.24 -2.22
C ARG A 148 -11.82 0.87 -2.11
N GLY A 149 -12.71 0.33 -1.28
CA GLY A 149 -14.06 0.84 -1.16
C GLY A 149 -14.92 0.41 -2.34
N ASN A 150 -16.23 0.70 -2.23
CA ASN A 150 -17.15 0.38 -3.32
C ASN A 150 -18.45 1.15 -3.13
N MET A 151 -19.02 1.61 -4.23
CA MET A 151 -20.37 2.16 -4.21
C MET A 151 -21.34 1.16 -3.61
N GLY A 152 -22.23 1.66 -2.74
CA GLY A 152 -23.22 0.85 -2.08
C GLY A 152 -22.69 -0.02 -0.96
N GLN A 153 -21.42 0.13 -0.59
CA GLN A 153 -20.82 -0.73 0.43
C GLN A 153 -20.07 0.08 1.50
N THR A 154 -20.62 1.23 1.88
CA THR A 154 -20.01 1.98 2.98
C THR A 154 -19.91 1.14 4.25
N ASN A 155 -20.93 0.32 4.54
CA ASN A 155 -20.86 -0.49 5.76
C ASN A 155 -19.89 -1.66 5.62
N TYR A 156 -19.99 -2.41 4.51
CA TYR A 156 -19.08 -3.55 4.34
C TYR A 156 -17.62 -3.10 4.27
N SER A 157 -17.35 -2.01 3.52
CA SER A 157 -15.97 -1.52 3.42
C SER A 157 -15.44 -1.04 4.77
N ALA A 158 -16.28 -0.36 5.56
CA ALA A 158 -15.83 0.00 6.91
C ALA A 158 -15.45 -1.25 7.71
N SER A 159 -16.28 -2.28 7.64
CA SER A 159 -16.02 -3.45 8.48
C SER A 159 -14.76 -4.17 8.01
N LYS A 160 -14.54 -4.27 6.69
CA LYS A 160 -13.40 -5.03 6.22
C LYS A 160 -12.11 -4.21 6.21
N GLY A 161 -12.18 -2.89 5.96
CA GLY A 161 -11.01 -2.06 6.15
C GLY A 161 -10.62 -1.96 7.62
N GLY A 162 -11.62 -1.92 8.51
CA GLY A 162 -11.33 -2.01 9.93
C GLY A 162 -10.70 -3.34 10.29
N MET A 163 -11.19 -4.43 9.68
CA MET A 163 -10.58 -5.74 9.96
C MET A 163 -9.11 -5.76 9.56
N ILE A 164 -8.77 -5.19 8.39
CA ILE A 164 -7.41 -5.28 7.87
C ILE A 164 -6.44 -4.55 8.79
N ALA A 165 -6.84 -3.35 9.24
CA ALA A 165 -5.97 -2.55 10.09
C ALA A 165 -5.88 -3.16 11.48
N MET A 166 -7.01 -3.63 12.02
CA MET A 166 -7.02 -4.23 13.35
C MET A 166 -6.13 -5.47 13.39
N SER A 167 -6.12 -6.25 12.31
CA SER A 167 -5.30 -7.45 12.26
C SER A 167 -3.82 -7.13 12.43
N LYS A 168 -3.37 -6.00 11.88
CA LYS A 168 -1.97 -5.59 12.06
C LYS A 168 -1.66 -5.26 13.52
N SER A 169 -2.60 -4.60 14.22
CA SER A 169 -2.33 -4.36 15.65
C SER A 169 -2.31 -5.67 16.43
N PHE A 170 -3.15 -6.64 16.08
CA PHE A 170 -3.02 -7.95 16.72
C PHE A 170 -1.66 -8.58 16.40
N ALA A 171 -1.18 -8.42 15.16
CA ALA A 171 0.13 -8.96 14.82
C ALA A 171 1.21 -8.37 15.73
N TYR A 172 1.13 -7.07 16.02
CA TYR A 172 2.09 -6.49 16.97
C TYR A 172 1.95 -7.12 18.35
N GLU A 173 0.71 -7.35 18.82
CA GLU A 173 0.57 -7.87 20.18
C GLU A 173 0.90 -9.35 20.31
N GLY A 174 0.80 -10.13 19.24
CA GLY A 174 1.09 -11.55 19.32
C GLY A 174 2.50 -11.94 18.91
N ALA A 175 3.25 -11.00 18.36
CA ALA A 175 4.50 -11.33 17.67
C ALA A 175 5.54 -11.93 18.61
N LEU A 176 5.66 -11.38 19.82
CA LEU A 176 6.71 -11.85 20.72
C LEU A 176 6.54 -13.32 21.06
N ARG A 177 5.29 -13.79 21.13
CA ARG A 177 4.98 -15.17 21.44
C ARG A 177 4.70 -15.99 20.19
N ASN A 178 5.15 -15.54 19.02
CA ASN A 178 5.07 -16.33 17.79
C ASN A 178 3.62 -16.65 17.42
N ILE A 179 2.72 -15.69 17.66
CA ILE A 179 1.32 -15.81 17.22
C ILE A 179 1.15 -14.82 16.07
N ARG A 180 1.00 -15.34 14.86
CA ARG A 180 0.99 -14.50 13.67
C ARG A 180 -0.45 -14.17 13.28
N PHE A 181 -0.63 -12.99 12.72
CA PHE A 181 -1.94 -12.51 12.28
C PHE A 181 -1.79 -11.91 10.91
N ASN A 182 -2.58 -12.40 9.95
CA ASN A 182 -2.54 -11.90 8.59
C ASN A 182 -3.97 -11.85 8.06
N SER A 183 -4.16 -11.05 7.02
CA SER A 183 -5.45 -10.93 6.36
C SER A 183 -5.32 -11.43 4.93
N VAL A 184 -6.44 -11.90 4.37
CA VAL A 184 -6.56 -12.19 2.95
CA VAL A 184 -6.54 -12.16 2.94
C VAL A 184 -7.65 -11.28 2.39
N THR A 185 -7.41 -10.73 1.19
CA THR A 185 -8.39 -9.86 0.55
C THR A 185 -8.81 -10.46 -0.78
N PRO A 186 -9.82 -11.34 -0.77
CA PRO A 186 -10.35 -11.91 -2.02
C PRO A 186 -10.96 -10.83 -2.90
N GLY A 187 -10.87 -11.06 -4.21
CA GLY A 187 -11.55 -10.21 -5.16
C GLY A 187 -12.94 -10.75 -5.44
N PHE A 188 -13.24 -10.92 -6.71
CA PHE A 188 -14.54 -11.51 -7.13
C PHE A 188 -14.35 -13.03 -7.25
N ILE A 189 -15.03 -13.73 -6.35
CA ILE A 189 -14.97 -15.18 -6.18
C ILE A 189 -16.29 -15.84 -6.64
N GLU A 190 -16.18 -16.95 -7.33
CA GLU A 190 -17.41 -17.59 -7.86
C GLU A 190 -18.35 -17.97 -6.72
N THR A 191 -17.91 -18.45 -5.60
CA THR A 191 -18.92 -18.72 -4.52
C THR A 191 -19.68 -17.46 -4.09
N ALA A 203 -20.01 -10.93 -17.57
CA ALA A 203 -18.63 -10.62 -17.87
C ALA A 203 -18.31 -9.14 -17.66
N ASP A 204 -19.24 -8.39 -17.09
CA ASP A 204 -18.90 -7.06 -16.56
C ASP A 204 -17.81 -7.17 -15.50
N TYR A 205 -18.07 -7.98 -14.46
CA TYR A 205 -17.05 -8.22 -13.44
C TYR A 205 -15.72 -8.53 -14.12
N VAL A 206 -15.75 -9.57 -14.95
CA VAL A 206 -14.54 -10.22 -15.41
C VAL A 206 -13.73 -9.30 -16.32
N LYS A 207 -14.37 -8.36 -17.01
CA LYS A 207 -13.66 -7.35 -17.80
C LYS A 207 -12.43 -6.77 -17.14
N ASN A 208 -12.57 -6.29 -15.91
CA ASN A 208 -11.49 -5.59 -15.24
C ASN A 208 -10.54 -6.51 -14.50
N ILE A 209 -10.73 -7.82 -14.57
CA ILE A 209 -9.84 -8.78 -13.94
C ILE A 209 -8.79 -9.20 -14.97
N PRO A 210 -7.50 -8.94 -14.74
CA PRO A 210 -6.49 -9.36 -15.76
C PRO A 210 -6.49 -10.86 -16.05
N LEU A 211 -6.62 -11.74 -15.05
CA LEU A 211 -6.71 -13.16 -15.35
C LEU A 211 -8.02 -13.57 -16.02
N ASN A 212 -8.97 -12.66 -16.16
CA ASN A 212 -10.10 -12.83 -17.07
C ASN A 212 -11.05 -13.93 -16.61
N ARG A 213 -11.19 -14.10 -15.30
CA ARG A 213 -12.07 -15.11 -14.71
C ARG A 213 -12.30 -14.76 -13.26
N LEU A 214 -13.42 -15.25 -12.71
CA LEU A 214 -13.60 -15.19 -11.27
C LEU A 214 -12.66 -16.15 -10.58
N GLY A 215 -12.32 -15.85 -9.33
CA GLY A 215 -11.54 -16.77 -8.53
C GLY A 215 -12.37 -17.94 -8.04
N ALA A 216 -11.73 -19.08 -7.83
CA ALA A 216 -12.38 -20.21 -7.20
C ALA A 216 -12.26 -20.09 -5.69
N ALA A 217 -13.27 -20.56 -4.97
CA ALA A 217 -13.18 -20.55 -3.51
C ALA A 217 -11.92 -21.29 -3.05
N LYS A 218 -11.54 -22.36 -3.76
CA LYS A 218 -10.34 -23.09 -3.40
C LYS A 218 -9.10 -22.21 -3.47
N GLU A 219 -9.07 -21.25 -4.41
CA GLU A 219 -7.91 -20.40 -4.54
C GLU A 219 -7.77 -19.48 -3.34
N VAL A 220 -8.91 -19.02 -2.79
CA VAL A 220 -8.86 -18.27 -1.53
C VAL A 220 -8.42 -19.18 -0.40
N ALA A 221 -8.96 -20.39 -0.34
CA ALA A 221 -8.64 -21.32 0.75
C ALA A 221 -7.15 -21.66 0.78
N GLU A 222 -6.51 -21.80 -0.40
CA GLU A 222 -5.09 -22.16 -0.36
C GLU A 222 -4.21 -20.99 0.05
N ALA A 223 -4.64 -19.76 -0.20
CA ALA A 223 -3.92 -18.60 0.33
C ALA A 223 -4.05 -18.55 1.84
N VAL A 224 -5.24 -18.88 2.36
CA VAL A 224 -5.41 -18.97 3.80
C VAL A 224 -4.51 -20.04 4.37
N ALA A 225 -4.49 -21.19 3.71
CA ALA A 225 -3.65 -22.30 4.16
C ALA A 225 -2.17 -21.89 4.22
N PHE A 226 -1.70 -21.15 3.21
CA PHE A 226 -0.31 -20.67 3.23
C PHE A 226 -0.01 -19.84 4.46
N LEU A 227 -0.93 -18.93 4.81
CA LEU A 227 -0.66 -18.01 5.91
C LEU A 227 -0.76 -18.72 7.26
N LEU A 228 -1.58 -19.78 7.35
CA LEU A 228 -1.55 -20.61 8.55
C LEU A 228 -0.31 -21.49 8.60
N SER A 229 0.21 -21.92 7.44
CA SER A 229 1.22 -22.97 7.39
C SER A 229 2.57 -22.47 7.92
N ASP A 230 3.47 -23.43 8.17
CA ASP A 230 4.83 -23.11 8.57
C ASP A 230 5.57 -22.35 7.48
N HIS A 231 5.09 -22.41 6.25
CA HIS A 231 5.83 -21.79 5.15
C HIS A 231 5.84 -20.26 5.25
N SER A 232 4.87 -19.67 5.95
CA SER A 232 4.79 -18.23 6.16
C SER A 232 5.31 -17.82 7.54
N SER A 233 6.24 -18.59 8.12
CA SER A 233 6.64 -18.38 9.51
C SER A 233 7.31 -17.02 9.78
N TYR A 234 7.84 -16.34 8.76
CA TYR A 234 8.36 -14.98 8.95
C TYR A 234 7.41 -13.91 8.40
N ILE A 235 6.12 -14.23 8.23
CA ILE A 235 5.15 -13.29 7.66
C ILE A 235 4.09 -13.01 8.71
N THR A 236 4.03 -11.76 9.17
CA THR A 236 2.93 -11.35 10.06
C THR A 236 2.61 -9.88 9.78
N GLY A 237 1.35 -9.52 10.00
CA GLY A 237 0.90 -8.18 9.68
C GLY A 237 0.74 -7.91 8.20
N GLU A 238 0.62 -8.96 7.38
CA GLU A 238 0.45 -8.82 5.94
C GLU A 238 -1.02 -8.93 5.55
N THR A 239 -1.32 -8.39 4.37
CA THR A 239 -2.65 -8.44 3.75
C THR A 239 -2.44 -9.02 2.38
N LEU A 240 -2.82 -10.28 2.18
CA LEU A 240 -2.53 -11.00 0.94
C LEU A 240 -3.72 -10.89 -0.02
N LYS A 241 -3.49 -10.21 -1.16
CA LYS A 241 -4.50 -10.00 -2.19
C LYS A 241 -4.69 -11.26 -3.01
N VAL A 242 -5.94 -11.69 -3.16
CA VAL A 242 -6.27 -12.87 -3.97
C VAL A 242 -7.35 -12.46 -4.95
N ASN A 243 -6.96 -11.67 -5.97
CA ASN A 243 -7.97 -11.01 -6.78
C ASN A 243 -7.69 -11.10 -8.28
N GLY A 244 -6.76 -11.93 -8.72
CA GLY A 244 -6.55 -12.06 -10.16
C GLY A 244 -5.97 -10.84 -10.85
N GLY A 245 -5.45 -9.86 -10.09
CA GLY A 245 -4.92 -8.63 -10.64
C GLY A 245 -5.90 -7.48 -10.65
N LEU A 246 -7.13 -7.71 -10.18
CA LEU A 246 -8.15 -6.68 -10.15
C LEU A 246 -7.71 -5.44 -9.40
N TYR A 247 -6.87 -5.60 -8.37
CA TYR A 247 -6.35 -4.48 -7.59
C TYR A 247 -4.91 -4.80 -7.22
N MET A 248 -4.00 -3.88 -7.56
CA MET A 248 -2.57 -3.99 -7.24
C MET A 248 -2.11 -2.72 -6.52
N SER B 1 4.78 -31.92 -0.35
CA SER B 1 5.32 -30.75 -1.03
C SER B 1 4.22 -29.88 -1.60
N MET B 2 4.62 -28.67 -1.93
CA MET B 2 3.74 -27.70 -2.57
C MET B 2 3.49 -28.21 -4.00
N GLN B 3 2.30 -27.94 -4.53
CA GLN B 3 1.90 -28.46 -5.85
C GLN B 3 2.35 -27.54 -6.99
N PHE B 4 3.03 -28.11 -7.99
CA PHE B 4 3.49 -27.35 -9.16
C PHE B 4 3.05 -28.05 -10.44
N THR B 5 2.32 -27.33 -11.30
CA THR B 5 2.05 -27.85 -12.65
C THR B 5 3.30 -27.82 -13.52
N GLY B 6 4.17 -26.81 -13.31
CA GLY B 6 5.39 -26.69 -14.10
C GLY B 6 6.49 -27.62 -13.63
N LYS B 7 7.55 -27.70 -14.44
CA LYS B 7 8.59 -28.71 -14.26
C LYS B 7 9.95 -28.15 -13.86
N ASN B 8 10.28 -26.90 -14.20
CA ASN B 8 11.64 -26.43 -13.98
C ASN B 8 11.61 -24.94 -13.66
N VAL B 9 12.73 -24.45 -13.14
CA VAL B 9 12.80 -23.05 -12.70
C VAL B 9 14.21 -22.54 -12.88
N LEU B 10 14.34 -21.27 -13.27
CA LEU B 10 15.63 -20.58 -13.32
C LEU B 10 15.67 -19.55 -12.19
N ILE B 11 16.75 -19.55 -11.43
CA ILE B 11 16.94 -18.65 -10.29
C ILE B 11 18.17 -17.81 -10.60
N THR B 12 18.00 -16.51 -10.81
CA THR B 12 19.19 -15.69 -11.02
C THR B 12 19.80 -15.33 -9.67
N GLY B 13 21.11 -15.09 -9.67
CA GLY B 13 21.88 -14.93 -8.44
C GLY B 13 21.68 -16.06 -7.45
N ALA B 14 21.83 -17.30 -7.93
CA ALA B 14 21.45 -18.47 -7.15
C ALA B 14 22.58 -19.15 -6.35
N SER B 15 23.80 -18.60 -6.32
CA SER B 15 24.94 -19.39 -5.84
C SER B 15 24.92 -19.50 -4.33
N LYS B 16 24.38 -18.47 -3.65
CA LYS B 16 24.54 -18.23 -2.22
C LYS B 16 23.29 -17.66 -1.58
N GLY B 17 23.27 -17.69 -0.25
CA GLY B 17 22.29 -16.95 0.47
C GLY B 17 20.87 -17.34 0.16
N ILE B 18 20.01 -16.33 -0.07
CA ILE B 18 18.60 -16.63 -0.36
C ILE B 18 18.47 -17.41 -1.64
N GLY B 19 19.22 -17.03 -2.68
CA GLY B 19 19.10 -17.72 -3.96
C GLY B 19 19.40 -19.21 -3.85
N ALA B 20 20.43 -19.55 -3.06
CA ALA B 20 20.79 -20.95 -2.89
C ALA B 20 19.70 -21.71 -2.13
N GLU B 21 19.11 -21.06 -1.12
CA GLU B 21 18.01 -21.69 -0.40
CA GLU B 21 18.01 -21.68 -0.39
C GLU B 21 16.76 -21.83 -1.26
N ILE B 22 16.53 -20.90 -2.18
CA ILE B 22 15.42 -21.09 -3.11
C ILE B 22 15.66 -22.31 -3.98
N ALA B 23 16.90 -22.47 -4.43
CA ALA B 23 17.28 -23.66 -5.19
C ALA B 23 17.03 -24.94 -4.38
N ARG B 24 17.49 -24.97 -3.12
CA ARG B 24 17.27 -26.14 -2.26
C ARG B 24 15.79 -26.43 -2.07
N THR B 25 15.02 -25.39 -1.74
CA THR B 25 13.60 -25.58 -1.50
C THR B 25 12.90 -26.09 -2.75
N LEU B 26 13.08 -25.40 -3.88
CA LEU B 26 12.35 -25.81 -5.08
C LEU B 26 12.80 -27.19 -5.55
N ALA B 27 14.10 -27.49 -5.46
CA ALA B 27 14.57 -28.81 -5.87
C ALA B 27 13.94 -29.91 -5.00
N SER B 28 13.81 -29.65 -3.69
CA SER B 28 13.23 -30.63 -2.78
C SER B 28 11.76 -30.84 -3.07
N MET B 29 11.14 -29.90 -3.76
CA MET B 29 9.73 -29.92 -4.08
C MET B 29 9.51 -30.51 -5.47
N GLY B 30 10.57 -31.01 -6.10
CA GLY B 30 10.47 -31.77 -7.34
C GLY B 30 10.76 -31.00 -8.62
N LEU B 31 11.09 -29.71 -8.53
CA LEU B 31 11.42 -28.96 -9.73
C LEU B 31 12.88 -29.20 -10.12
N LYS B 32 13.15 -29.18 -11.42
CA LYS B 32 14.53 -29.09 -11.87
C LYS B 32 14.96 -27.62 -11.75
N VAL B 33 16.03 -27.37 -11.00
N VAL B 33 16.00 -27.36 -10.97
CA VAL B 33 16.46 -26.02 -10.66
CA VAL B 33 16.43 -26.01 -10.69
C VAL B 33 17.68 -25.67 -11.49
C VAL B 33 17.66 -25.68 -11.52
N TRP B 34 17.64 -24.51 -12.15
CA TRP B 34 18.78 -23.98 -12.87
C TRP B 34 19.41 -22.90 -12.00
N ILE B 35 20.65 -23.12 -11.62
CA ILE B 35 21.40 -22.29 -10.67
C ILE B 35 22.29 -21.34 -11.49
N ASN B 36 21.90 -20.06 -11.53
CA ASN B 36 22.70 -19.03 -12.18
C ASN B 36 23.86 -18.60 -11.33
N TYR B 37 25.03 -18.53 -11.94
CA TYR B 37 26.19 -17.90 -11.33
C TYR B 37 26.83 -17.01 -12.38
N ARG B 38 27.47 -15.93 -11.94
CA ARG B 38 28.17 -15.10 -12.90
C ARG B 38 29.68 -15.27 -12.81
N SER B 39 30.23 -15.24 -11.61
CA SER B 39 31.67 -15.39 -11.47
C SER B 39 32.05 -16.78 -10.96
N ASN B 40 31.68 -17.12 -9.72
CA ASN B 40 32.28 -18.28 -9.07
C ASN B 40 31.55 -19.57 -9.42
N ALA B 41 32.20 -20.42 -10.21
CA ALA B 41 31.61 -21.70 -10.57
C ALA B 41 31.66 -22.70 -9.41
N GLU B 42 32.65 -22.58 -8.52
CA GLU B 42 32.87 -23.59 -7.49
C GLU B 42 31.67 -23.71 -6.56
N VAL B 43 31.17 -22.57 -6.07
CA VAL B 43 30.05 -22.60 -5.14
C VAL B 43 28.79 -23.11 -5.82
N ALA B 44 28.57 -22.73 -7.08
CA ALA B 44 27.38 -23.20 -7.78
C ALA B 44 27.47 -24.69 -8.06
N ASP B 45 28.66 -25.17 -8.43
CA ASP B 45 28.84 -26.60 -8.66
C ASP B 45 28.60 -27.39 -7.39
N ALA B 46 29.05 -26.86 -6.24
CA ALA B 46 28.84 -27.56 -4.98
C ALA B 46 27.35 -27.66 -4.65
N LEU B 47 26.60 -26.58 -4.88
CA LEU B 47 25.15 -26.60 -4.68
C LEU B 47 24.49 -27.64 -5.58
N LYS B 48 24.82 -27.63 -6.87
CA LYS B 48 24.24 -28.59 -7.79
C LYS B 48 24.50 -30.03 -7.32
N ASN B 49 25.74 -30.30 -6.91
CA ASN B 49 26.07 -31.65 -6.46
C ASN B 49 25.32 -32.00 -5.18
N GLU B 50 25.27 -31.08 -4.22
CA GLU B 50 24.47 -31.30 -3.02
C GLU B 50 23.05 -31.72 -3.37
N LEU B 51 22.42 -31.01 -4.31
CA LEU B 51 21.04 -31.30 -4.67
C LEU B 51 20.95 -32.62 -5.40
N GLU B 52 21.89 -32.91 -6.30
CA GLU B 52 21.85 -34.17 -7.02
C GLU B 52 22.08 -35.34 -6.10
N GLU B 53 22.98 -35.20 -5.13
CA GLU B 53 23.21 -36.27 -4.15
C GLU B 53 22.00 -36.51 -3.25
N LYS B 54 21.05 -35.56 -3.16
CA LYS B 54 19.81 -35.79 -2.45
C LYS B 54 18.72 -36.39 -3.31
N GLY B 55 19.03 -36.72 -4.57
CA GLY B 55 18.04 -37.26 -5.48
C GLY B 55 17.24 -36.23 -6.25
N TYR B 56 17.61 -34.97 -6.19
CA TYR B 56 16.91 -33.90 -6.89
C TYR B 56 17.56 -33.65 -8.25
N LYS B 57 16.90 -32.80 -9.05
CA LYS B 57 17.37 -32.44 -10.39
C LYS B 57 17.88 -31.01 -10.35
N ALA B 58 19.10 -30.79 -10.84
CA ALA B 58 19.73 -29.48 -10.75
C ALA B 58 20.78 -29.31 -11.84
N ALA B 59 20.95 -28.07 -12.29
CA ALA B 59 21.95 -27.73 -13.30
C ALA B 59 22.46 -26.34 -13.00
N VAL B 60 23.69 -26.05 -13.43
CA VAL B 60 24.25 -24.70 -13.30
C VAL B 60 24.28 -24.05 -14.68
N ILE B 61 24.28 -22.72 -14.69
CA ILE B 61 24.32 -21.97 -15.94
C ILE B 61 24.91 -20.60 -15.67
N LYS B 62 25.91 -20.23 -16.48
CA LYS B 62 26.67 -19.01 -16.23
C LYS B 62 26.13 -17.89 -17.12
N PHE B 63 25.78 -16.76 -16.51
CA PHE B 63 25.48 -15.55 -17.27
C PHE B 63 25.39 -14.36 -16.32
N ASP B 64 25.61 -13.20 -16.90
CA ASP B 64 25.39 -11.91 -16.24
C ASP B 64 23.93 -11.51 -16.47
N ALA B 65 23.11 -11.54 -15.41
CA ALA B 65 21.68 -11.25 -15.57
C ALA B 65 21.37 -9.81 -15.96
N ALA B 66 22.35 -8.91 -15.88
CA ALA B 66 22.13 -7.56 -16.38
C ALA B 66 22.57 -7.40 -17.83
N SER B 67 23.06 -8.47 -18.45
CA SER B 67 23.44 -8.46 -19.86
C SER B 67 22.31 -9.02 -20.72
N GLU B 68 21.76 -8.19 -21.59
CA GLU B 68 20.61 -8.62 -22.40
C GLU B 68 20.92 -9.89 -23.20
N SER B 69 22.02 -9.90 -23.96
CA SER B 69 22.28 -11.04 -24.82
C SER B 69 22.55 -12.28 -24.00
N ASP B 70 23.28 -12.12 -22.91
CA ASP B 70 23.71 -13.26 -22.10
C ASP B 70 22.52 -13.95 -21.46
N PHE B 71 21.58 -13.16 -20.93
CA PHE B 71 20.44 -13.71 -20.20
C PHE B 71 19.44 -14.30 -21.19
N VAL B 72 19.20 -13.61 -22.32
CA VAL B 72 18.34 -14.14 -23.38
C VAL B 72 18.85 -15.49 -23.85
N GLU B 73 20.15 -15.57 -24.15
CA GLU B 73 20.70 -16.83 -24.66
C GLU B 73 20.65 -17.94 -23.60
N ALA B 74 20.81 -17.58 -22.34
CA ALA B 74 20.74 -18.59 -21.28
C ALA B 74 19.36 -19.20 -21.19
N ILE B 75 18.31 -18.37 -21.24
CA ILE B 75 16.95 -18.92 -21.25
C ILE B 75 16.72 -19.77 -22.50
N GLN B 76 17.25 -19.34 -23.64
CA GLN B 76 17.13 -20.14 -24.86
C GLN B 76 17.74 -21.51 -24.68
N ALA B 77 18.90 -21.58 -24.02
CA ALA B 77 19.58 -22.85 -23.82
C ALA B 77 18.78 -23.76 -22.89
N ILE B 78 18.15 -23.20 -21.85
CA ILE B 78 17.32 -24.03 -20.98
C ILE B 78 16.12 -24.56 -21.75
N VAL B 79 15.49 -23.72 -22.57
CA VAL B 79 14.37 -24.19 -23.38
C VAL B 79 14.82 -25.30 -24.33
N GLN B 80 16.02 -25.17 -24.85
CA GLN B 80 16.56 -26.22 -25.74
C GLN B 80 16.81 -27.51 -24.93
N SER B 81 17.29 -27.38 -23.72
CA SER B 81 17.64 -28.56 -22.93
C SER B 81 16.41 -29.23 -22.34
N ASP B 82 15.46 -28.45 -21.83
CA ASP B 82 14.35 -29.00 -21.07
C ASP B 82 13.02 -29.00 -21.82
N GLY B 83 12.94 -28.35 -22.98
CA GLY B 83 11.69 -28.21 -23.71
C GLY B 83 10.88 -26.98 -23.35
N GLY B 84 11.25 -26.28 -22.30
CA GLY B 84 10.57 -25.04 -21.95
C GLY B 84 11.11 -24.53 -20.62
N LEU B 85 10.42 -23.52 -20.09
CA LEU B 85 10.79 -22.95 -18.81
C LEU B 85 9.50 -22.55 -18.10
N SER B 86 9.20 -23.21 -16.98
CA SER B 86 7.91 -22.97 -16.32
C SER B 86 7.94 -21.76 -15.39
N TYR B 87 9.06 -21.56 -14.72
CA TYR B 87 9.16 -20.64 -13.59
C TYR B 87 10.46 -19.85 -13.69
N LEU B 88 10.43 -18.61 -13.18
CA LEU B 88 11.60 -17.76 -13.11
C LEU B 88 11.61 -16.99 -11.79
N VAL B 89 12.77 -16.94 -11.15
CA VAL B 89 12.99 -16.09 -9.97
C VAL B 89 14.09 -15.10 -10.30
N ASN B 90 13.75 -13.82 -10.30
CA ASN B 90 14.74 -12.74 -10.50
C ASN B 90 15.28 -12.32 -9.13
N ASN B 91 16.55 -12.61 -8.86
CA ASN B 91 17.16 -12.33 -7.58
C ASN B 91 18.61 -11.85 -7.74
N ALA B 92 18.87 -11.05 -8.76
CA ALA B 92 20.25 -10.68 -9.08
C ALA B 92 20.61 -9.27 -8.59
N GLY B 93 20.03 -8.83 -7.48
CA GLY B 93 20.20 -7.46 -7.05
C GLY B 93 21.50 -7.23 -6.30
N VAL B 94 22.02 -6.00 -6.38
CA VAL B 94 23.15 -5.57 -5.56
C VAL B 94 22.71 -4.43 -4.66
N VAL B 95 23.42 -4.29 -3.55
CA VAL B 95 23.21 -3.22 -2.57
C VAL B 95 24.51 -2.43 -2.47
N ARG B 96 24.44 -1.12 -2.71
CA ARG B 96 25.60 -0.21 -2.59
C ARG B 96 25.07 1.05 -1.92
N ASP B 97 25.02 1.07 -0.58
CA ASP B 97 24.41 2.19 0.13
C ASP B 97 25.41 3.31 0.38
N LYS B 98 24.95 4.55 0.22
CA LYS B 98 25.70 5.77 0.56
C LYS B 98 24.70 6.86 0.84
N LEU B 99 25.09 7.84 1.67
CA LEU B 99 24.30 9.06 1.79
C LEU B 99 24.16 9.70 0.42
N ALA B 100 22.96 10.26 0.13
CA ALA B 100 22.75 10.79 -1.22
C ALA B 100 23.77 11.87 -1.60
N ILE B 101 24.11 12.76 -0.66
CA ILE B 101 25.02 13.84 -1.00
C ILE B 101 26.44 13.34 -1.22
N LYS B 102 26.74 12.10 -0.85
CA LYS B 102 28.00 11.45 -1.15
C LYS B 102 27.92 10.50 -2.36
N MET B 103 26.72 10.28 -2.90
CA MET B 103 26.50 9.45 -4.09
C MET B 103 26.77 10.14 -5.41
N LYS B 104 27.72 9.61 -6.17
CA LYS B 104 27.85 9.99 -7.57
C LYS B 104 26.69 9.43 -8.39
N THR B 105 26.28 10.19 -9.40
CA THR B 105 25.24 9.70 -10.29
C THR B 105 25.65 8.41 -10.98
N GLU B 106 26.95 8.23 -11.28
CA GLU B 106 27.33 6.97 -11.88
C GLU B 106 27.14 5.80 -10.92
N ASP B 107 27.27 6.03 -9.59
CA ASP B 107 26.96 4.98 -8.62
C ASP B 107 25.47 4.65 -8.63
N PHE B 108 24.62 5.68 -8.56
CA PHE B 108 23.18 5.47 -8.67
C PHE B 108 22.85 4.69 -9.93
N HIS B 109 23.37 5.15 -11.07
CA HIS B 109 23.10 4.52 -12.34
C HIS B 109 23.50 3.06 -12.35
N HIS B 110 24.65 2.73 -11.77
CA HIS B 110 25.12 1.35 -11.83
C HIS B 110 24.20 0.41 -11.05
N VAL B 111 23.77 0.82 -9.85
CA VAL B 111 22.90 -0.02 -9.03
C VAL B 111 21.55 -0.20 -9.70
N ILE B 112 20.97 0.93 -10.06
CA ILE B 112 19.67 0.91 -10.81
CA ILE B 112 19.67 0.84 -10.77
C ILE B 112 19.65 0.09 -12.15
N ASP B 113 20.76 0.30 -12.89
CA ASP B 113 20.92 -0.47 -14.11
C ASP B 113 20.98 -1.97 -13.81
N ASN B 114 21.84 -2.38 -12.88
CA ASN B 114 21.91 -3.80 -12.54
C ASN B 114 20.56 -4.34 -12.09
N ASN B 115 19.94 -3.65 -11.12
CA ASN B 115 18.81 -4.22 -10.40
C ASN B 115 17.55 -4.20 -11.24
N LEU B 116 17.28 -3.09 -11.94
CA LEU B 116 16.04 -3.02 -12.70
C LEU B 116 16.17 -3.69 -14.06
N THR B 117 17.32 -3.54 -14.73
CA THR B 117 17.44 -4.14 -16.06
C THR B 117 17.45 -5.65 -15.99
N SER B 118 18.07 -6.22 -14.95
CA SER B 118 18.09 -7.68 -14.86
C SER B 118 16.67 -8.22 -14.70
N ALA B 119 15.91 -7.64 -13.77
CA ALA B 119 14.52 -8.07 -13.61
C ALA B 119 13.71 -7.81 -14.90
N PHE B 120 13.96 -6.69 -15.59
CA PHE B 120 13.24 -6.40 -16.83
C PHE B 120 13.50 -7.49 -17.86
N ILE B 121 14.78 -7.83 -18.08
CA ILE B 121 15.10 -8.85 -19.09
C ILE B 121 14.48 -10.18 -18.72
N GLY B 122 14.65 -10.60 -17.46
CA GLY B 122 14.06 -11.86 -17.02
C GLY B 122 12.55 -11.91 -17.26
N CYS B 123 11.84 -10.88 -16.78
CA CYS B 123 10.39 -10.84 -16.94
C CYS B 123 10.00 -10.82 -18.41
N ARG B 124 10.73 -10.05 -19.23
CA ARG B 124 10.41 -9.98 -20.66
C ARG B 124 10.59 -11.33 -21.33
N GLU B 125 11.71 -12.00 -21.05
CA GLU B 125 11.94 -13.30 -21.66
C GLU B 125 10.97 -14.34 -21.14
N ALA B 126 10.54 -14.22 -19.87
CA ALA B 126 9.51 -15.11 -19.36
C ALA B 126 8.24 -15.00 -20.20
N LEU B 127 7.82 -13.77 -20.51
CA LEU B 127 6.64 -13.58 -21.35
C LEU B 127 6.79 -14.33 -22.66
N LYS B 128 7.98 -14.28 -23.25
CA LYS B 128 8.22 -14.91 -24.54
C LYS B 128 8.15 -16.43 -24.45
N VAL B 129 8.86 -17.03 -23.47
CA VAL B 129 9.00 -18.48 -23.48
C VAL B 129 7.86 -19.20 -22.78
N MET B 130 7.04 -18.49 -22.02
CA MET B 130 5.98 -19.06 -21.21
C MET B 130 4.64 -18.95 -21.93
N SER B 131 4.57 -18.08 -22.93
CA SER B 131 3.27 -17.75 -23.52
CA SER B 131 3.31 -17.73 -23.60
C SER B 131 2.68 -18.94 -24.27
N LYS B 132 3.47 -19.78 -24.89
CA LYS B 132 2.82 -20.88 -25.66
C LYS B 132 2.27 -21.94 -24.72
N SER B 133 2.92 -22.11 -23.56
CA SER B 133 2.37 -23.01 -22.57
C SER B 133 1.10 -22.47 -21.95
N ARG B 134 0.82 -21.17 -22.12
CA ARG B 134 -0.29 -20.51 -21.45
C ARG B 134 -0.26 -20.82 -19.95
N PHE B 135 0.93 -20.72 -19.39
CA PHE B 135 1.13 -21.06 -17.99
C PHE B 135 2.46 -20.51 -17.54
N GLY B 136 2.53 -20.02 -16.31
CA GLY B 136 3.84 -19.74 -15.75
C GLY B 136 3.72 -18.85 -14.54
N SER B 137 4.85 -18.74 -13.81
CA SER B 137 4.91 -17.86 -12.66
C SER B 137 6.32 -17.32 -12.50
N VAL B 138 6.40 -16.03 -12.15
CA VAL B 138 7.67 -15.31 -12.04
C VAL B 138 7.64 -14.55 -10.72
N VAL B 139 8.71 -14.69 -9.93
CA VAL B 139 8.85 -13.95 -8.68
C VAL B 139 10.03 -13.01 -8.77
N ASN B 140 9.78 -11.73 -8.48
CA ASN B 140 10.82 -10.72 -8.44
C ASN B 140 11.17 -10.45 -6.97
N ILE B 141 12.41 -10.72 -6.58
CA ILE B 141 12.82 -10.60 -5.18
C ILE B 141 13.64 -9.34 -4.98
N ALA B 142 13.19 -8.48 -4.08
CA ALA B 142 13.94 -7.28 -3.72
C ALA B 142 15.14 -7.63 -2.85
N SER B 143 16.10 -6.69 -2.81
CA SER B 143 17.27 -6.85 -1.95
C SER B 143 16.85 -6.82 -0.48
N ILE B 144 17.53 -7.62 0.32
CA ILE B 144 17.43 -7.67 1.78
CA ILE B 144 17.21 -7.62 1.75
C ILE B 144 17.54 -6.27 2.37
N ILE B 145 16.91 -6.00 3.51
CA ILE B 145 17.18 -4.77 4.23
C ILE B 145 18.61 -4.81 4.74
N GLY B 146 19.39 -3.79 4.40
CA GLY B 146 20.80 -3.77 4.74
C GLY B 146 21.22 -2.61 5.62
N GLU B 147 20.26 -1.92 6.25
CA GLU B 147 20.58 -0.81 7.12
C GLU B 147 19.72 -0.84 8.36
N ARG B 148 20.32 -0.48 9.49
CA ARG B 148 19.60 -0.41 10.75
C ARG B 148 18.58 0.69 10.73
N GLY B 149 18.89 1.78 10.02
CA GLY B 149 18.11 3.00 10.03
C GLY B 149 17.56 3.29 8.65
N ASN B 150 17.18 4.56 8.42
CA ASN B 150 16.51 4.98 7.21
C ASN B 150 17.41 5.76 6.26
N MET B 151 18.71 5.86 6.54
CA MET B 151 19.61 6.69 5.74
C MET B 151 20.37 5.82 4.74
N GLY B 152 20.91 6.47 3.71
CA GLY B 152 21.79 5.83 2.74
C GLY B 152 21.12 4.93 1.71
N GLN B 153 19.81 5.03 1.55
CA GLN B 153 19.07 4.05 0.77
C GLN B 153 18.37 4.65 -0.45
N THR B 154 18.82 5.80 -0.95
CA THR B 154 18.11 6.38 -2.09
C THR B 154 18.20 5.48 -3.33
N ASN B 155 19.35 4.84 -3.57
CA ASN B 155 19.35 3.97 -4.75
C ASN B 155 18.75 2.60 -4.42
N TYR B 156 18.81 2.19 -3.15
CA TYR B 156 18.12 0.98 -2.69
C TYR B 156 16.61 1.08 -2.87
N SER B 157 16.04 2.21 -2.46
CA SER B 157 14.60 2.38 -2.56
CA SER B 157 14.59 2.38 -2.57
C SER B 157 14.16 2.61 -4.02
N ALA B 158 14.97 3.35 -4.80
CA ALA B 158 14.69 3.47 -6.23
C ALA B 158 14.60 2.08 -6.88
N SER B 159 15.55 1.19 -6.56
CA SER B 159 15.56 -0.14 -7.15
C SER B 159 14.35 -0.93 -6.71
N LYS B 160 14.06 -0.89 -5.40
CA LYS B 160 12.98 -1.74 -4.87
C LYS B 160 11.62 -1.25 -5.35
N GLY B 161 11.36 0.06 -5.24
CA GLY B 161 10.08 0.57 -5.71
C GLY B 161 9.91 0.44 -7.20
N GLY B 162 11.00 0.60 -7.95
CA GLY B 162 10.93 0.39 -9.39
C GLY B 162 10.57 -1.05 -9.73
N MET B 163 11.17 -2.01 -9.02
CA MET B 163 10.92 -3.42 -9.30
C MET B 163 9.48 -3.78 -8.99
N ILE B 164 8.97 -3.27 -7.86
CA ILE B 164 7.59 -3.56 -7.45
C ILE B 164 6.58 -3.04 -8.49
N ALA B 165 6.81 -1.81 -8.99
CA ALA B 165 5.88 -1.24 -9.96
C ALA B 165 6.01 -1.90 -11.33
N MET B 166 7.25 -2.10 -11.80
CA MET B 166 7.47 -2.96 -12.98
C MET B 166 6.72 -4.26 -12.96
N SER B 167 6.83 -4.99 -11.85
CA SER B 167 6.24 -6.30 -11.75
C SER B 167 4.74 -6.23 -11.95
N LYS B 168 4.11 -5.19 -11.38
CA LYS B 168 2.67 -5.01 -11.59
C LYS B 168 2.35 -4.85 -13.07
N SER B 169 3.16 -4.07 -13.80
CA SER B 169 2.93 -3.90 -15.23
C SER B 169 3.11 -5.21 -15.99
N PHE B 170 4.13 -5.99 -15.63
CA PHE B 170 4.25 -7.33 -16.23
C PHE B 170 3.07 -8.22 -15.89
N ALA B 171 2.49 -8.08 -14.70
CA ALA B 171 1.31 -8.88 -14.37
C ALA B 171 0.17 -8.63 -15.35
N TYR B 172 -0.06 -7.37 -15.75
CA TYR B 172 -1.10 -7.10 -16.75
C TYR B 172 -0.79 -7.80 -18.06
N GLU B 173 0.47 -7.72 -18.51
CA GLU B 173 0.83 -8.28 -19.82
C GLU B 173 0.80 -9.80 -19.79
N GLY B 174 1.30 -10.41 -18.71
CA GLY B 174 1.32 -11.86 -18.65
C GLY B 174 -0.03 -12.49 -18.38
N ALA B 175 -0.98 -11.73 -17.83
CA ALA B 175 -2.25 -12.31 -17.46
C ALA B 175 -3.00 -12.82 -18.66
N LEU B 176 -2.73 -12.25 -19.85
CA LEU B 176 -3.28 -12.67 -21.15
C LEU B 176 -2.81 -14.06 -21.55
N ARG B 177 -1.87 -14.64 -20.80
CA ARG B 177 -1.40 -16.00 -21.03
C ARG B 177 -1.31 -16.79 -19.73
N ASN B 178 -2.03 -16.37 -18.68
CA ASN B 178 -1.98 -17.06 -17.40
C ASN B 178 -0.56 -17.13 -16.85
N ILE B 179 0.24 -16.09 -17.09
CA ILE B 179 1.58 -15.99 -16.51
C ILE B 179 1.51 -14.98 -15.38
N ARG B 180 1.77 -15.43 -14.15
CA ARG B 180 1.64 -14.54 -13.00
C ARG B 180 2.98 -13.91 -12.65
N PHE B 181 2.93 -12.65 -12.18
CA PHE B 181 4.12 -11.96 -11.70
C PHE B 181 3.85 -11.40 -10.31
N ASN B 182 4.72 -11.72 -9.36
CA ASN B 182 4.59 -11.21 -8.00
C ASN B 182 5.97 -10.82 -7.48
N SER B 183 6.00 -9.93 -6.50
CA SER B 183 7.24 -9.54 -5.84
C SER B 183 7.34 -10.08 -4.42
N VAL B 184 8.56 -10.23 -3.94
CA VAL B 184 8.83 -10.57 -2.55
C VAL B 184 9.78 -9.54 -1.98
N THR B 185 9.45 -8.97 -0.82
CA THR B 185 10.31 -7.98 -0.17
C THR B 185 10.76 -8.52 1.17
N PRO B 186 11.95 -9.10 1.26
CA PRO B 186 12.45 -9.61 2.53
C PRO B 186 12.83 -8.48 3.46
N GLY B 187 12.76 -8.76 4.76
CA GLY B 187 13.23 -7.83 5.78
C GLY B 187 14.68 -8.09 6.15
N PHE B 188 14.98 -8.16 7.44
CA PHE B 188 16.30 -8.52 7.93
C PHE B 188 16.46 -10.02 7.91
N ILE B 189 17.27 -10.54 6.99
CA ILE B 189 17.47 -11.97 6.82
C ILE B 189 18.92 -12.26 7.19
N GLU B 190 19.14 -13.34 7.93
CA GLU B 190 20.53 -13.65 8.29
C GLU B 190 21.22 -14.58 7.30
N TYR B 205 18.38 -3.29 16.25
CA TYR B 205 17.36 -3.11 15.22
C TYR B 205 16.37 -4.26 15.33
N VAL B 206 16.85 -5.39 15.88
CA VAL B 206 16.01 -6.57 16.07
C VAL B 206 14.83 -6.23 16.97
N LYS B 207 14.98 -5.19 17.80
CA LYS B 207 13.87 -4.69 18.59
C LYS B 207 12.80 -4.01 17.75
N ASN B 208 13.15 -3.53 16.54
CA ASN B 208 12.12 -3.05 15.63
C ASN B 208 11.41 -4.17 14.88
N ILE B 209 11.83 -5.42 15.04
CA ILE B 209 11.20 -6.56 14.39
C ILE B 209 10.20 -7.17 15.37
N PRO B 210 8.88 -7.15 15.08
CA PRO B 210 7.93 -7.74 16.04
C PRO B 210 8.22 -9.19 16.37
N LEU B 211 8.57 -10.04 15.39
CA LEU B 211 8.87 -11.42 15.74
C LEU B 211 10.17 -11.54 16.54
N ASN B 212 10.95 -10.46 16.67
CA ASN B 212 12.09 -10.40 17.59
C ASN B 212 13.20 -11.38 17.20
N ARG B 213 13.38 -11.58 15.90
CA ARG B 213 14.46 -12.42 15.39
C ARG B 213 14.68 -12.07 13.93
N LEU B 214 15.88 -12.38 13.44
CA LEU B 214 16.12 -12.30 12.01
C LEU B 214 15.36 -13.41 11.29
N GLY B 215 15.02 -13.18 10.03
CA GLY B 215 14.43 -14.24 9.24
C GLY B 215 15.50 -15.19 8.69
N ALA B 216 15.12 -16.44 8.52
CA ALA B 216 16.00 -17.41 7.88
C ALA B 216 15.83 -17.35 6.38
N ALA B 217 16.91 -17.58 5.63
CA ALA B 217 16.78 -17.59 4.17
C ALA B 217 15.69 -18.57 3.73
N LYS B 218 15.56 -19.68 4.45
CA LYS B 218 14.54 -20.67 4.09
C LYS B 218 13.14 -20.10 4.20
N GLU B 219 12.91 -19.15 5.13
CA GLU B 219 11.58 -18.55 5.26
C GLU B 219 11.26 -17.65 4.07
N VAL B 220 12.28 -17.02 3.47
CA VAL B 220 12.06 -16.32 2.22
C VAL B 220 11.80 -17.30 1.09
N ALA B 221 12.61 -18.36 1.01
CA ALA B 221 12.48 -19.34 -0.07
C ALA B 221 11.11 -19.98 -0.12
N GLU B 222 10.52 -20.27 1.04
CA GLU B 222 9.23 -20.96 1.03
C GLU B 222 8.11 -20.00 0.64
N ALA B 223 8.27 -18.71 0.94
CA ALA B 223 7.31 -17.74 0.42
C ALA B 223 7.42 -17.64 -1.09
N VAL B 224 8.64 -17.60 -1.62
CA VAL B 224 8.84 -17.62 -3.06
C VAL B 224 8.21 -18.88 -3.67
N ALA B 225 8.41 -20.03 -3.02
CA ALA B 225 7.83 -21.27 -3.53
C ALA B 225 6.31 -21.19 -3.62
N PHE B 226 5.67 -20.62 -2.60
CA PHE B 226 4.22 -20.47 -2.64
C PHE B 226 3.77 -19.67 -3.86
N LEU B 227 4.47 -18.58 -4.17
CA LEU B 227 4.05 -17.72 -5.27
C LEU B 227 4.29 -18.37 -6.63
N LEU B 228 5.28 -19.27 -6.72
CA LEU B 228 5.45 -20.08 -7.93
C LEU B 228 4.42 -21.19 -8.01
N SER B 229 4.01 -21.72 -6.86
CA SER B 229 3.19 -22.93 -6.81
C SER B 229 1.77 -22.69 -7.34
N ASP B 230 1.10 -23.81 -7.64
CA ASP B 230 -0.30 -23.73 -8.05
C ASP B 230 -1.18 -23.16 -6.95
N HIS B 231 -0.70 -23.14 -5.71
CA HIS B 231 -1.55 -22.69 -4.61
C HIS B 231 -1.82 -21.20 -4.64
N SER B 232 -1.05 -20.44 -5.41
CA SER B 232 -1.22 -19.01 -5.56
C SER B 232 -1.80 -18.64 -6.93
N SER B 233 -2.59 -19.54 -7.54
CA SER B 233 -2.96 -19.42 -8.95
C SER B 233 -3.86 -18.21 -9.27
N TYR B 234 -4.51 -17.61 -8.27
CA TYR B 234 -5.28 -16.38 -8.49
C TYR B 234 -4.56 -15.15 -7.94
N ILE B 235 -3.26 -15.23 -7.69
CA ILE B 235 -2.53 -14.12 -7.09
C ILE B 235 -1.55 -13.60 -8.15
N THR B 236 -1.75 -12.36 -8.56
CA THR B 236 -0.80 -11.75 -9.50
C THR B 236 -0.82 -10.24 -9.28
N GLY B 237 0.34 -9.61 -9.50
CA GLY B 237 0.47 -8.19 -9.22
C GLY B 237 0.59 -7.85 -7.75
N GLU B 238 0.90 -8.83 -6.92
CA GLU B 238 1.00 -8.67 -5.47
C GLU B 238 2.46 -8.53 -5.05
N THR B 239 2.68 -7.87 -3.90
CA THR B 239 3.99 -7.80 -3.25
C THR B 239 3.86 -8.43 -1.88
N LEU B 240 4.60 -9.50 -1.64
CA LEU B 240 4.52 -10.28 -0.42
C LEU B 240 5.69 -9.89 0.48
N LYS B 241 5.38 -9.26 1.60
CA LYS B 241 6.40 -8.86 2.55
C LYS B 241 6.79 -10.05 3.42
N VAL B 242 8.10 -10.28 3.54
CA VAL B 242 8.61 -11.35 4.38
C VAL B 242 9.60 -10.74 5.37
N ASN B 243 9.08 -10.09 6.41
CA ASN B 243 9.94 -9.24 7.22
C ASN B 243 9.65 -9.33 8.72
N GLY B 244 8.89 -10.33 9.16
CA GLY B 244 8.60 -10.50 10.58
C GLY B 244 7.80 -9.40 11.22
N GLY B 245 7.07 -8.62 10.42
CA GLY B 245 6.31 -7.49 10.89
C GLY B 245 7.04 -6.17 10.92
N LEU B 246 8.30 -6.17 10.47
CA LEU B 246 9.11 -4.94 10.42
C LEU B 246 8.36 -3.80 9.74
N TYR B 247 7.72 -4.09 8.62
CA TYR B 247 6.84 -3.14 7.92
C TYR B 247 5.51 -3.83 7.65
N MET B 248 4.42 -3.13 7.96
CA MET B 248 3.06 -3.62 7.67
C MET B 248 2.29 -2.61 6.82
N SER C 1 -2.84 31.14 2.45
CA SER C 1 -4.29 31.04 2.44
C SER C 1 -4.75 30.09 1.35
N MET C 2 -6.04 29.76 1.34
CA MET C 2 -6.59 28.90 0.30
C MET C 2 -7.95 29.39 -0.17
N GLN C 3 -8.28 29.00 -1.39
CA GLN C 3 -9.50 29.43 -2.07
C GLN C 3 -10.64 28.44 -1.82
N PHE C 4 -11.82 28.96 -1.49
CA PHE C 4 -13.01 28.15 -1.22
C PHE C 4 -14.18 28.72 -2.01
N THR C 5 -14.81 27.89 -2.83
CA THR C 5 -16.08 28.26 -3.45
C THR C 5 -17.24 28.17 -2.46
N GLY C 6 -17.19 27.23 -1.51
CA GLY C 6 -18.22 27.11 -0.50
C GLY C 6 -18.07 28.17 0.58
N LYS C 7 -19.12 28.31 1.42
CA LYS C 7 -19.20 29.41 2.37
C LYS C 7 -19.16 29.01 3.83
N ASN C 8 -19.49 27.76 4.18
CA ASN C 8 -19.58 27.39 5.59
C ASN C 8 -19.15 25.95 5.78
N VAL C 9 -18.89 25.61 7.03
CA VAL C 9 -18.36 24.29 7.37
C VAL C 9 -18.88 23.91 8.74
N LEU C 10 -19.20 22.63 8.90
CA LEU C 10 -19.52 22.08 10.21
C LEU C 10 -18.34 21.20 10.63
N ILE C 11 -17.88 21.37 11.86
CA ILE C 11 -16.75 20.62 12.41
C ILE C 11 -17.25 19.87 13.64
N THR C 12 -17.30 18.54 13.58
CA THR C 12 -17.73 17.83 14.79
C THR C 12 -16.59 17.70 15.79
N GLY C 13 -16.95 17.64 17.07
CA GLY C 13 -15.98 17.66 18.16
C GLY C 13 -14.99 18.81 18.09
N ALA C 14 -15.52 20.03 17.98
CA ALA C 14 -14.72 21.18 17.61
C ALA C 14 -14.33 22.06 18.79
N SER C 15 -14.61 21.64 20.03
CA SER C 15 -14.42 22.53 21.17
C SER C 15 -12.95 22.75 21.48
N LYS C 16 -12.12 21.71 21.34
CA LYS C 16 -10.76 21.76 21.84
C LYS C 16 -9.78 21.17 20.83
N GLY C 17 -8.50 21.29 21.15
CA GLY C 17 -7.46 20.57 20.42
C GLY C 17 -7.48 20.80 18.92
N ILE C 18 -7.31 19.71 18.17
CA ILE C 18 -7.31 19.79 16.71
C ILE C 18 -8.61 20.42 16.21
N GLY C 19 -9.75 20.00 16.78
CA GLY C 19 -11.03 20.50 16.30
C GLY C 19 -11.15 22.00 16.40
N ALA C 20 -10.73 22.58 17.54
CA ALA C 20 -10.81 24.03 17.73
C ALA C 20 -9.89 24.77 16.76
N GLU C 21 -8.67 24.24 16.56
CA GLU C 21 -7.75 24.85 15.61
C GLU C 21 -8.25 24.72 14.17
N ILE C 22 -8.90 23.60 13.83
CA ILE C 22 -9.57 23.53 12.52
C ILE C 22 -10.57 24.67 12.37
N ALA C 23 -11.42 24.86 13.39
CA ALA C 23 -12.38 25.95 13.36
C ALA C 23 -11.68 27.30 13.22
N ARG C 24 -10.63 27.51 14.02
CA ARG C 24 -9.86 28.74 13.97
C ARG C 24 -9.27 28.98 12.60
N THR C 25 -8.60 27.95 12.04
CA THR C 25 -8.01 28.07 10.72
C THR C 25 -9.06 28.34 9.65
N LEU C 26 -10.13 27.55 9.62
CA LEU C 26 -11.11 27.72 8.55
C LEU C 26 -11.85 29.05 8.68
N ALA C 27 -12.09 29.51 9.90
CA ALA C 27 -12.72 30.82 10.07
C ALA C 27 -11.81 31.94 9.57
N SER C 28 -10.48 31.82 9.78
CA SER C 28 -9.56 32.84 9.30
C SER C 28 -9.46 32.86 7.77
N MET C 29 -9.82 31.77 7.10
CA MET C 29 -9.90 31.66 5.66
C MET C 29 -11.25 32.12 5.09
N GLY C 30 -12.15 32.64 5.92
CA GLY C 30 -13.38 33.24 5.45
C GLY C 30 -14.61 32.36 5.52
N LEU C 31 -14.52 31.11 5.98
CA LEU C 31 -15.71 30.30 6.12
C LEU C 31 -16.45 30.64 7.42
N LYS C 32 -17.77 30.56 7.37
CA LYS C 32 -18.53 30.56 8.61
C LYS C 32 -18.40 29.17 9.23
N VAL C 33 -17.91 29.10 10.47
CA VAL C 33 -17.61 27.81 11.09
C VAL C 33 -18.68 27.49 12.12
N TRP C 34 -19.18 26.26 12.05
CA TRP C 34 -20.11 25.72 13.04
C TRP C 34 -19.36 24.79 13.97
N ILE C 35 -19.30 25.16 15.25
CA ILE C 35 -18.53 24.49 16.29
C ILE C 35 -19.47 23.55 17.02
N ASN C 36 -19.38 22.27 16.69
CA ASN C 36 -20.10 21.21 17.42
C ASN C 36 -19.47 20.87 18.76
N TYR C 37 -20.30 20.79 19.80
CA TYR C 37 -19.92 20.21 21.08
C TYR C 37 -21.05 19.31 21.56
N ARG C 38 -20.72 18.40 22.48
CA ARG C 38 -21.69 17.42 22.97
C ARG C 38 -22.21 17.71 24.37
N SER C 39 -21.37 18.13 25.31
CA SER C 39 -21.79 18.22 26.71
C SER C 39 -21.60 19.60 27.34
N ASN C 40 -20.37 19.96 27.74
CA ASN C 40 -20.10 21.25 28.37
C ASN C 40 -19.95 22.33 27.30
N ALA C 41 -20.76 23.38 27.40
CA ALA C 41 -20.80 24.42 26.38
C ALA C 41 -19.73 25.50 26.53
N GLU C 42 -19.08 25.62 27.69
CA GLU C 42 -18.31 26.83 27.97
C GLU C 42 -17.08 26.97 27.07
N VAL C 43 -16.38 25.88 26.77
CA VAL C 43 -15.22 25.98 25.92
C VAL C 43 -15.62 26.32 24.48
N ALA C 44 -16.70 25.70 23.99
CA ALA C 44 -17.16 26.04 22.64
C ALA C 44 -17.61 27.49 22.56
N ASP C 45 -18.34 27.97 23.57
CA ASP C 45 -18.77 29.36 23.57
C ASP C 45 -17.58 30.28 23.54
N ALA C 46 -16.53 29.96 24.30
CA ALA C 46 -15.35 30.81 24.36
C ALA C 46 -14.63 30.84 23.03
N LEU C 47 -14.57 29.69 22.34
CA LEU C 47 -14.01 29.65 21.00
C LEU C 47 -14.82 30.54 20.04
N LYS C 48 -16.13 30.38 20.04
CA LYS C 48 -16.99 31.21 19.20
C LYS C 48 -16.78 32.69 19.50
N ASN C 49 -16.68 33.05 20.78
CA ASN C 49 -16.46 34.44 21.15
C ASN C 49 -15.09 34.91 20.66
N GLU C 50 -14.08 34.07 20.83
CA GLU C 50 -12.73 34.41 20.35
C GLU C 50 -12.73 34.68 18.85
N LEU C 51 -13.36 33.79 18.07
CA LEU C 51 -13.35 33.94 16.62
C LEU C 51 -14.12 35.18 16.19
N GLU C 52 -15.26 35.46 16.82
CA GLU C 52 -16.00 36.65 16.45
C GLU C 52 -15.23 37.91 16.81
N GLU C 53 -14.58 37.92 17.96
CA GLU C 53 -13.74 39.07 18.35
C GLU C 53 -12.62 39.30 17.34
N LYS C 54 -12.12 38.24 16.72
CA LYS C 54 -11.09 38.36 15.70
C LYS C 54 -11.66 38.73 14.33
N GLY C 55 -12.94 39.02 14.25
CA GLY C 55 -13.56 39.45 13.02
C GLY C 55 -14.10 38.34 12.13
N TYR C 56 -14.20 37.11 12.63
CA TYR C 56 -14.63 35.97 11.83
C TYR C 56 -16.09 35.66 12.08
N LYS C 57 -16.58 34.64 11.36
CA LYS C 57 -17.98 34.23 11.42
C LYS C 57 -18.01 32.85 12.06
N ALA C 58 -18.72 32.71 13.18
CA ALA C 58 -18.71 31.46 13.93
C ALA C 58 -20.03 31.28 14.68
N ALA C 59 -20.45 30.04 14.83
CA ALA C 59 -21.61 29.70 15.65
C ALA C 59 -21.35 28.36 16.32
N VAL C 60 -22.05 28.11 17.43
CA VAL C 60 -21.95 26.84 18.14
C VAL C 60 -23.23 26.05 17.91
N ILE C 61 -23.10 24.72 17.99
CA ILE C 61 -24.27 23.86 17.84
C ILE C 61 -24.08 22.59 18.66
N LYS C 62 -25.03 22.31 19.55
CA LYS C 62 -24.92 21.19 20.47
C LYS C 62 -25.59 19.96 19.87
N PHE C 63 -24.85 18.86 19.78
CA PHE C 63 -25.44 17.58 19.40
C PHE C 63 -24.40 16.50 19.57
N ASP C 64 -24.90 15.27 19.64
CA ASP C 64 -24.08 14.08 19.80
C ASP C 64 -23.88 13.50 18.41
N ALA C 65 -22.64 13.57 17.90
CA ALA C 65 -22.39 13.14 16.54
C ALA C 65 -22.56 11.64 16.36
N ALA C 66 -22.64 10.87 17.44
CA ALA C 66 -22.87 9.44 17.34
C ALA C 66 -24.36 9.11 17.38
N SER C 67 -25.23 10.11 17.54
CA SER C 67 -26.67 9.92 17.51
C SER C 67 -27.21 10.27 16.13
N GLU C 68 -27.82 9.28 15.46
CA GLU C 68 -28.38 9.52 14.13
C GLU C 68 -29.36 10.70 14.12
N SER C 69 -30.34 10.69 15.03
CA SER C 69 -31.39 11.70 14.95
C SER C 69 -30.87 13.08 15.34
N ASP C 70 -29.95 13.14 16.31
CA ASP C 70 -29.41 14.41 16.78
C ASP C 70 -28.58 15.08 15.68
N PHE C 71 -27.75 14.31 14.99
CA PHE C 71 -26.88 14.83 13.89
C PHE C 71 -27.75 15.30 12.73
N VAL C 72 -28.70 14.45 12.33
CA VAL C 72 -29.62 14.81 11.21
C VAL C 72 -30.30 16.16 11.48
N GLU C 73 -30.81 16.34 12.68
CA GLU C 73 -31.51 17.61 13.06
C GLU C 73 -30.55 18.82 13.08
N ALA C 74 -29.32 18.59 13.52
CA ALA C 74 -28.31 19.68 13.54
C ALA C 74 -28.02 20.18 12.11
N ILE C 75 -27.84 19.24 11.19
CA ILE C 75 -27.55 19.65 9.79
C ILE C 75 -28.79 20.36 9.21
N GLN C 76 -29.98 19.86 9.54
CA GLN C 76 -31.22 20.56 9.08
C GLN C 76 -31.26 21.99 9.64
N ALA C 77 -30.85 22.16 10.90
CA ALA C 77 -30.84 23.50 11.54
C ALA C 77 -29.84 24.42 10.86
N ILE C 78 -28.68 23.88 10.51
CA ILE C 78 -27.66 24.69 9.78
C ILE C 78 -28.19 25.07 8.39
N VAL C 79 -28.78 24.11 7.72
CA VAL C 79 -29.28 24.41 6.38
C VAL C 79 -30.37 25.47 6.45
N GLN C 80 -31.26 25.35 7.44
CA GLN C 80 -32.29 26.37 7.69
C GLN C 80 -31.65 27.74 7.92
N SER C 81 -30.59 27.78 8.73
CA SER C 81 -29.99 29.06 9.11
C SER C 81 -29.19 29.66 7.97
N ASP C 82 -28.38 28.86 7.28
CA ASP C 82 -27.40 29.37 6.33
C ASP C 82 -27.81 29.19 4.88
N GLY C 83 -28.84 28.39 4.60
CA GLY C 83 -29.25 28.08 3.25
C GLY C 83 -28.66 26.80 2.68
N GLY C 84 -27.67 26.24 3.35
CA GLY C 84 -27.00 25.05 2.84
C GLY C 84 -25.81 24.75 3.72
N LEU C 85 -25.05 23.73 3.30
CA LEU C 85 -23.79 23.39 3.98
C LEU C 85 -22.78 22.92 2.95
N SER C 86 -21.68 23.66 2.80
CA SER C 86 -20.69 23.38 1.77
C SER C 86 -19.73 22.27 2.18
N TYR C 87 -19.36 22.22 3.46
CA TYR C 87 -18.20 21.47 3.91
C TYR C 87 -18.48 20.81 5.25
N LEU C 88 -17.83 19.66 5.47
CA LEU C 88 -18.03 18.91 6.70
C LEU C 88 -16.71 18.30 7.13
N VAL C 89 -16.39 18.41 8.42
CA VAL C 89 -15.20 17.79 8.99
C VAL C 89 -15.68 16.86 10.10
N ASN C 90 -15.45 15.56 9.92
CA ASN C 90 -15.82 14.57 10.93
C ASN C 90 -14.61 14.35 11.83
N ASN C 91 -14.70 14.83 13.07
CA ASN C 91 -13.61 14.77 14.03
C ASN C 91 -14.07 14.35 15.43
N ALA C 92 -15.18 13.62 15.55
CA ALA C 92 -15.76 13.30 16.86
C ALA C 92 -15.23 11.99 17.47
N GLY C 93 -14.01 11.60 17.17
CA GLY C 93 -13.50 10.34 17.67
C GLY C 93 -13.18 10.37 19.16
N VAL C 94 -13.13 9.19 19.75
CA VAL C 94 -12.61 9.00 21.10
C VAL C 94 -11.46 8.01 21.05
N VAL C 95 -10.67 7.99 22.11
CA VAL C 95 -9.51 7.11 22.25
C VAL C 95 -9.65 6.39 23.59
N ARG C 96 -9.53 5.05 23.57
CA ARG C 96 -9.39 4.28 24.79
C ARG C 96 -8.56 3.05 24.45
N ASP C 97 -7.27 3.13 24.69
CA ASP C 97 -6.35 2.07 24.30
C ASP C 97 -6.09 1.14 25.46
N LYS C 98 -6.13 -0.16 25.18
CA LYS C 98 -5.81 -1.22 26.11
C LYS C 98 -5.21 -2.33 25.27
N LEU C 99 -4.39 -3.18 25.90
CA LEU C 99 -4.05 -4.46 25.27
C LEU C 99 -5.32 -5.24 24.96
N ALA C 100 -5.34 -5.93 23.80
CA ALA C 100 -6.56 -6.63 23.42
C ALA C 100 -7.01 -7.63 24.47
N ILE C 101 -6.09 -8.38 25.08
CA ILE C 101 -6.53 -9.38 26.06
C ILE C 101 -7.10 -8.76 27.32
N LYS C 102 -6.94 -7.45 27.50
CA LYS C 102 -7.50 -6.73 28.62
C LYS C 102 -8.73 -5.90 28.24
N MET C 103 -9.22 -6.03 27.01
CA MET C 103 -10.25 -5.12 26.51
C MET C 103 -11.54 -5.91 26.33
N LYS C 104 -12.59 -5.47 27.02
CA LYS C 104 -13.91 -6.06 26.86
C LYS C 104 -14.50 -5.67 25.51
N THR C 105 -15.36 -6.53 24.97
CA THR C 105 -16.03 -6.16 23.72
C THR C 105 -16.89 -4.92 23.90
N GLU C 106 -17.42 -4.71 25.12
CA GLU C 106 -18.00 -3.41 25.46
C GLU C 106 -17.06 -2.26 25.17
N ASP C 107 -15.79 -2.40 25.57
CA ASP C 107 -14.79 -1.36 25.33
C ASP C 107 -14.56 -1.16 23.83
N PHE C 108 -14.48 -2.28 23.09
CA PHE C 108 -14.30 -2.22 21.65
C PHE C 108 -15.51 -1.54 21.00
N HIS C 109 -16.73 -2.02 21.32
CA HIS C 109 -17.96 -1.39 20.84
C HIS C 109 -17.97 0.11 21.09
N HIS C 110 -17.61 0.52 22.32
CA HIS C 110 -17.59 1.93 22.69
C HIS C 110 -16.86 2.77 21.65
N VAL C 111 -15.62 2.39 21.33
CA VAL C 111 -14.78 3.18 20.45
C VAL C 111 -15.30 3.13 19.01
N ILE C 112 -15.49 1.90 18.48
CA ILE C 112 -15.99 1.72 17.11
C ILE C 112 -17.35 2.33 16.90
N ASP C 113 -18.30 2.08 17.82
CA ASP C 113 -19.63 2.66 17.66
C ASP C 113 -19.53 4.16 17.49
N ASN C 114 -18.84 4.81 18.42
CA ASN C 114 -18.70 6.25 18.36
C ASN C 114 -17.94 6.70 17.10
N ASN C 115 -16.75 6.15 16.88
CA ASN C 115 -15.87 6.74 15.85
C ASN C 115 -16.41 6.50 14.45
N LEU C 116 -16.86 5.27 14.17
CA LEU C 116 -17.32 4.93 12.83
C LEU C 116 -18.73 5.43 12.56
N THR C 117 -19.64 5.30 13.54
CA THR C 117 -21.02 5.67 13.25
C THR C 117 -21.13 7.17 13.09
N SER C 118 -20.38 7.92 13.91
CA SER C 118 -20.39 9.38 13.77
CA SER C 118 -20.36 9.38 13.77
C SER C 118 -19.93 9.78 12.38
N ALA C 119 -18.80 9.24 11.92
CA ALA C 119 -18.34 9.58 10.58
C ALA C 119 -19.33 9.11 9.52
N PHE C 120 -19.95 7.95 9.73
CA PHE C 120 -20.94 7.46 8.76
C PHE C 120 -22.13 8.41 8.67
N ILE C 121 -22.68 8.82 9.80
CA ILE C 121 -23.84 9.70 9.79
C ILE C 121 -23.50 11.00 9.07
N GLY C 122 -22.36 11.60 9.45
CA GLY C 122 -21.98 12.86 8.83
C GLY C 122 -21.79 12.76 7.33
N CYS C 123 -21.09 11.71 6.88
CA CYS C 123 -20.89 11.54 5.45
C CYS C 123 -22.21 11.31 4.72
N ARG C 124 -23.09 10.50 5.31
CA ARG C 124 -24.39 10.26 4.71
C ARG C 124 -25.20 11.54 4.56
N GLU C 125 -25.27 12.33 5.62
CA GLU C 125 -26.03 13.56 5.57
C GLU C 125 -25.37 14.59 4.66
N ALA C 126 -24.03 14.55 4.54
CA ALA C 126 -23.37 15.40 3.56
C ALA C 126 -23.82 15.06 2.15
N LEU C 127 -23.93 13.77 1.80
CA LEU C 127 -24.45 13.43 0.47
C LEU C 127 -25.81 14.06 0.25
N LYS C 128 -26.66 14.03 1.28
CA LYS C 128 -28.04 14.51 1.12
C LYS C 128 -28.08 16.03 0.91
N VAL C 129 -27.33 16.79 1.71
CA VAL C 129 -27.49 18.25 1.66
C VAL C 129 -26.56 18.91 0.64
N MET C 130 -25.56 18.20 0.14
CA MET C 130 -24.55 18.74 -0.78
C MET C 130 -24.89 18.42 -2.23
N SER C 131 -25.74 17.41 -2.47
CA SER C 131 -25.87 16.85 -3.82
C SER C 131 -26.60 17.77 -4.77
N LYS C 132 -27.60 18.51 -4.27
CA LYS C 132 -28.38 19.36 -5.17
C LYS C 132 -27.50 20.44 -5.76
N SER C 133 -26.57 20.97 -4.94
CA SER C 133 -25.64 22.02 -5.33
C SER C 133 -24.53 21.54 -6.23
N ARG C 134 -24.36 20.24 -6.39
CA ARG C 134 -23.26 19.69 -7.22
C ARG C 134 -21.90 20.15 -6.67
N PHE C 135 -21.84 20.35 -5.35
CA PHE C 135 -20.59 20.84 -4.79
C PHE C 135 -20.44 20.47 -3.33
N GLY C 136 -19.27 19.96 -2.97
CA GLY C 136 -19.02 19.75 -1.55
C GLY C 136 -17.70 19.05 -1.27
N SER C 137 -17.24 19.14 -0.03
CA SER C 137 -16.03 18.42 0.34
C SER C 137 -16.14 18.01 1.80
N VAL C 138 -15.73 16.79 2.11
CA VAL C 138 -15.86 16.22 3.43
C VAL C 138 -14.50 15.65 3.83
N VAL C 139 -14.03 15.99 5.03
CA VAL C 139 -12.77 15.44 5.51
C VAL C 139 -13.06 14.60 6.74
N ASN C 140 -12.57 13.36 6.73
CA ASN C 140 -12.70 12.48 7.89
C ASN C 140 -11.33 12.41 8.58
N ILE C 141 -11.26 12.85 9.83
CA ILE C 141 -9.98 12.94 10.54
C ILE C 141 -9.88 11.82 11.56
N ALA C 142 -8.81 11.04 11.48
CA ALA C 142 -8.52 10.00 12.43
C ALA C 142 -8.00 10.58 13.75
N SER C 143 -8.10 9.78 14.80
CA SER C 143 -7.59 10.16 16.11
C SER C 143 -6.08 10.34 16.09
N ILE C 144 -5.60 11.26 16.95
CA ILE C 144 -4.17 11.48 17.16
C ILE C 144 -3.58 10.16 17.67
N ILE C 145 -2.32 9.88 17.32
CA ILE C 145 -1.71 8.64 17.80
C ILE C 145 -1.62 8.64 19.33
N GLY C 146 -2.05 7.53 19.93
CA GLY C 146 -2.20 7.41 21.37
C GLY C 146 -0.92 7.24 22.17
N GLU C 147 -0.18 6.15 21.98
CA GLU C 147 0.99 5.99 22.83
C GLU C 147 2.19 6.05 21.93
N ARG C 148 3.36 5.92 22.53
CA ARG C 148 4.48 5.42 21.78
C ARG C 148 4.26 3.95 21.46
N GLY C 149 4.89 3.50 20.38
CA GLY C 149 4.95 2.09 20.04
C GLY C 149 3.64 1.56 19.46
N ASN C 150 3.53 0.23 19.40
CA ASN C 150 2.53 -0.42 18.56
C ASN C 150 1.51 -1.24 19.35
N MET C 151 1.55 -1.23 20.67
CA MET C 151 0.61 -2.02 21.46
C MET C 151 -0.58 -1.19 21.90
N GLY C 152 -1.66 -1.90 22.24
CA GLY C 152 -2.86 -1.29 22.80
C GLY C 152 -3.80 -0.65 21.81
N GLN C 153 -3.57 -0.85 20.51
CA GLN C 153 -4.27 -0.06 19.49
C GLN C 153 -5.23 -0.88 18.63
N THR C 154 -5.72 -2.03 19.11
CA THR C 154 -6.62 -2.82 18.26
C THR C 154 -7.93 -2.08 17.98
N ASN C 155 -8.49 -1.35 18.96
CA ASN C 155 -9.72 -0.62 18.62
C ASN C 155 -9.41 0.71 17.94
N TYR C 156 -8.23 1.28 18.19
CA TYR C 156 -7.77 2.46 17.46
C TYR C 156 -7.61 2.17 15.96
N SER C 157 -6.91 1.09 15.65
CA SER C 157 -6.70 0.70 14.26
CA SER C 157 -6.71 0.72 14.26
C SER C 157 -8.00 0.25 13.59
N ALA C 158 -8.85 -0.47 14.32
CA ALA C 158 -10.12 -0.85 13.72
C ALA C 158 -10.91 0.39 13.32
N SER C 159 -10.90 1.31 14.23
CA SER C 159 -11.59 2.60 13.94
CA SER C 159 -11.59 2.58 13.94
C SER C 159 -11.04 3.43 12.74
N LYS C 160 -9.70 3.49 12.76
CA LYS C 160 -8.98 4.29 11.76
C LYS C 160 -9.07 3.62 10.39
N GLY C 161 -8.77 2.33 10.32
CA GLY C 161 -8.85 1.64 9.05
C GLY C 161 -10.27 1.57 8.52
N GLY C 162 -11.24 1.41 9.43
CA GLY C 162 -12.63 1.41 9.00
C GLY C 162 -13.03 2.75 8.41
N MET C 163 -12.65 3.83 9.09
CA MET C 163 -12.92 5.19 8.61
C MET C 163 -12.35 5.43 7.22
N ILE C 164 -11.11 4.99 7.00
CA ILE C 164 -10.43 5.27 5.73
C ILE C 164 -11.13 4.54 4.60
N ALA C 165 -11.47 3.26 4.82
CA ALA C 165 -12.14 2.49 3.78
C ALA C 165 -13.55 3.01 3.54
N MET C 166 -14.26 3.38 4.61
CA MET C 166 -15.63 3.79 4.39
C MET C 166 -15.64 5.14 3.67
N SER C 167 -14.62 5.97 3.94
CA SER C 167 -14.46 7.23 3.21
C SER C 167 -14.28 7.00 1.71
N LYS C 168 -13.49 5.99 1.31
CA LYS C 168 -13.36 5.67 -0.09
C LYS C 168 -14.71 5.31 -0.71
N SER C 169 -15.53 4.56 0.03
CA SER C 169 -16.83 4.20 -0.51
C SER C 169 -17.71 5.43 -0.70
N PHE C 170 -17.71 6.33 0.29
CA PHE C 170 -18.42 7.61 0.11
C PHE C 170 -17.88 8.38 -1.08
N ALA C 171 -16.56 8.32 -1.30
CA ALA C 171 -16.00 9.00 -2.47
C ALA C 171 -16.64 8.51 -3.77
N TYR C 172 -16.85 7.21 -3.93
CA TYR C 172 -17.55 6.73 -5.12
C TYR C 172 -18.98 7.27 -5.18
N GLU C 173 -19.68 7.26 -4.03
CA GLU C 173 -21.09 7.61 -4.02
C GLU C 173 -21.30 9.10 -4.28
N GLY C 174 -20.37 9.95 -3.84
CA GLY C 174 -20.53 11.38 -4.07
C GLY C 174 -19.92 11.92 -5.36
N ALA C 175 -19.18 11.10 -6.10
CA ALA C 175 -18.29 11.60 -7.14
C ALA C 175 -19.05 12.28 -8.28
N LEU C 176 -20.15 11.67 -8.72
CA LEU C 176 -20.88 12.24 -9.85
C LEU C 176 -21.48 13.60 -9.52
N ARG C 177 -21.77 13.86 -8.24
CA ARG C 177 -22.27 15.16 -7.82
C ARG C 177 -21.18 16.07 -7.29
N ASN C 178 -19.92 15.73 -7.55
CA ASN C 178 -18.78 16.57 -7.19
C ASN C 178 -18.71 16.78 -5.67
N ILE C 179 -19.04 15.75 -4.91
CA ILE C 179 -18.86 15.75 -3.45
C ILE C 179 -17.64 14.90 -3.15
N ARG C 180 -16.57 15.51 -2.69
CA ARG C 180 -15.33 14.78 -2.45
C ARG C 180 -15.25 14.33 -1.00
N PHE C 181 -14.61 13.17 -0.80
CA PHE C 181 -14.39 12.63 0.54
C PHE C 181 -12.93 12.23 0.65
N ASN C 182 -12.26 12.74 1.67
CA ASN C 182 -10.85 12.40 1.89
C ASN C 182 -10.62 12.25 3.39
N SER C 183 -9.56 11.53 3.73
CA SER C 183 -9.22 11.32 5.13
C SER C 183 -7.90 12.02 5.47
N VAL C 184 -7.74 12.35 6.75
CA VAL C 184 -6.49 12.88 7.27
C VAL C 184 -6.08 12.02 8.44
N THR C 185 -4.82 11.58 8.47
CA THR C 185 -4.29 10.79 9.59
C THR C 185 -3.15 11.52 10.27
N PRO C 186 -3.42 12.21 11.38
CA PRO C 186 -2.34 12.90 12.09
C PRO C 186 -1.40 11.93 12.79
N GLY C 187 -0.18 12.41 13.01
CA GLY C 187 0.81 11.69 13.78
C GLY C 187 0.76 12.08 15.24
N PHE C 188 1.94 12.35 15.80
CA PHE C 188 2.04 12.86 17.17
C PHE C 188 1.89 14.37 17.10
N ILE C 189 0.82 14.88 17.70
CA ILE C 189 0.48 16.29 17.59
C ILE C 189 0.49 16.90 18.97
N GLU C 190 1.05 18.11 19.07
CA GLU C 190 1.18 18.73 20.37
C GLU C 190 -0.18 19.35 20.67
N THR C 191 -0.98 18.60 21.42
CA THR C 191 -2.35 18.96 21.73
C THR C 191 -2.78 18.00 22.83
N LYS C 202 9.02 13.83 26.02
CA LYS C 202 8.71 14.41 24.69
C LYS C 202 9.77 13.95 23.70
N ALA C 203 10.98 14.18 24.17
CA ALA C 203 12.07 13.76 23.30
C ALA C 203 11.90 12.29 22.90
N ASP C 204 11.40 11.43 23.77
CA ASP C 204 11.22 10.00 23.44
C ASP C 204 10.18 9.84 22.33
N TYR C 205 9.18 10.73 22.22
CA TYR C 205 8.23 10.67 21.08
C TYR C 205 8.91 11.19 19.83
N VAL C 206 9.58 12.31 19.93
CA VAL C 206 10.22 12.95 18.79
C VAL C 206 11.31 12.09 18.20
N LYS C 207 11.89 11.20 19.01
CA LYS C 207 12.82 10.16 18.60
C LYS C 207 12.58 9.59 17.20
N ASN C 208 11.38 9.11 16.94
CA ASN C 208 11.10 8.38 15.72
C ASN C 208 10.43 9.25 14.66
N ILE C 209 10.39 10.56 14.84
CA ILE C 209 9.79 11.50 13.89
C ILE C 209 10.92 12.12 13.06
N PRO C 210 10.99 11.86 11.75
CA PRO C 210 12.09 12.46 10.97
C PRO C 210 12.18 13.98 11.11
N LEU C 211 11.05 14.70 11.13
CA LEU C 211 11.15 16.16 11.25
C LEU C 211 11.57 16.60 12.65
N ASN C 212 11.69 15.68 13.58
CA ASN C 212 12.37 15.95 14.86
C ASN C 212 11.55 16.90 15.73
N ARG C 213 10.23 16.84 15.64
CA ARG C 213 9.37 17.65 16.48
C ARG C 213 7.95 17.09 16.40
N LEU C 214 7.16 17.35 17.44
CA LEU C 214 5.73 17.12 17.39
C LEU C 214 5.09 18.06 16.38
N GLY C 215 3.97 17.64 15.80
CA GLY C 215 3.24 18.53 14.93
C GLY C 215 2.41 19.52 15.71
N ALA C 216 2.22 20.71 15.12
CA ALA C 216 1.29 21.69 15.67
C ALA C 216 -0.13 21.40 15.19
N ALA C 217 -1.12 21.70 16.05
CA ALA C 217 -2.50 21.49 15.62
C ALA C 217 -2.80 22.27 14.34
N LYS C 218 -2.17 23.41 14.19
CA LYS C 218 -2.39 24.27 13.01
C LYS C 218 -1.93 23.55 11.72
N GLU C 219 -0.87 22.76 11.82
CA GLU C 219 -0.38 22.04 10.65
C GLU C 219 -1.36 20.97 10.21
N VAL C 220 -2.06 20.34 11.16
CA VAL C 220 -3.13 19.43 10.78
C VAL C 220 -4.29 20.21 10.18
N ALA C 221 -4.65 21.31 10.82
CA ALA C 221 -5.79 22.10 10.34
C ALA C 221 -5.57 22.60 8.92
N GLU C 222 -4.33 22.94 8.57
CA GLU C 222 -4.11 23.43 7.20
C GLU C 222 -4.18 22.30 6.18
N ALA C 223 -3.84 21.07 6.57
CA ALA C 223 -4.04 19.91 5.69
C ALA C 223 -5.52 19.67 5.44
N VAL C 224 -6.33 19.80 6.50
CA VAL C 224 -7.77 19.67 6.35
C VAL C 224 -8.30 20.76 5.44
N ALA C 225 -7.82 22.00 5.65
CA ALA C 225 -8.24 23.12 4.82
C ALA C 225 -7.93 22.87 3.34
N PHE C 226 -6.75 22.32 3.05
CA PHE C 226 -6.40 22.01 1.67
C PHE C 226 -7.40 21.05 1.05
N LEU C 227 -7.75 19.99 1.78
CA LEU C 227 -8.67 18.99 1.23
C LEU C 227 -10.09 19.54 1.06
N LEU C 228 -10.49 20.49 1.90
CA LEU C 228 -11.79 21.13 1.70
C LEU C 228 -11.75 22.11 0.54
N SER C 229 -10.61 22.75 0.31
CA SER C 229 -10.46 23.89 -0.60
C SER C 229 -10.59 23.48 -2.05
N ASP C 230 -10.76 24.50 -2.90
CA ASP C 230 -10.85 24.29 -4.34
C ASP C 230 -9.56 23.73 -4.92
N HIS C 231 -8.44 23.88 -4.22
CA HIS C 231 -7.16 23.45 -4.74
C HIS C 231 -7.07 21.94 -4.86
N SER C 232 -7.85 21.19 -4.08
CA SER C 232 -7.84 19.74 -4.14
C SER C 232 -8.97 19.19 -5.01
N SER C 233 -9.52 20.00 -5.92
CA SER C 233 -10.72 19.62 -6.66
C SER C 233 -10.62 18.31 -7.44
N TYR C 234 -9.42 17.80 -7.75
CA TYR C 234 -9.33 16.50 -8.42
C TYR C 234 -8.89 15.39 -7.48
N ILE C 235 -9.03 15.60 -6.16
CA ILE C 235 -8.58 14.65 -5.16
C ILE C 235 -9.80 14.12 -4.41
N THR C 236 -10.05 12.83 -4.54
CA THR C 236 -11.11 12.20 -3.75
C THR C 236 -10.74 10.74 -3.52
N GLY C 237 -11.13 10.22 -2.36
CA GLY C 237 -10.77 8.88 -1.95
C GLY C 237 -9.34 8.73 -1.47
N GLU C 238 -8.68 9.85 -1.17
CA GLU C 238 -7.29 9.93 -0.71
C GLU C 238 -7.20 9.97 0.82
N THR C 239 -6.07 9.49 1.35
CA THR C 239 -5.74 9.63 2.76
C THR C 239 -4.46 10.46 2.85
N LEU C 240 -4.52 11.61 3.52
CA LEU C 240 -3.36 12.49 3.63
C LEU C 240 -2.74 12.33 5.02
N LYS C 241 -1.51 11.83 5.07
CA LYS C 241 -0.82 11.65 6.35
C LYS C 241 -0.16 12.95 6.75
N VAL C 242 -0.33 13.33 8.02
CA VAL C 242 0.28 14.56 8.54
C VAL C 242 1.05 14.18 9.79
N ASN C 243 2.27 13.64 9.61
CA ASN C 243 2.93 12.96 10.72
C ASN C 243 4.44 13.22 10.76
N GLY C 244 4.94 14.18 9.99
CA GLY C 244 6.35 14.51 10.04
C GLY C 244 7.27 13.42 9.54
N GLY C 245 6.76 12.47 8.76
CA GLY C 245 7.57 11.37 8.30
C GLY C 245 7.53 10.15 9.18
N LEU C 246 6.78 10.19 10.28
CA LEU C 246 6.72 9.06 11.21
C LEU C 246 6.29 7.78 10.51
N TYR C 247 5.34 7.89 9.59
CA TYR C 247 4.91 6.77 8.75
C TYR C 247 4.92 7.24 7.31
N MET C 248 5.51 6.43 6.43
CA MET C 248 5.60 6.74 5.01
C MET C 248 5.01 5.60 4.19
N SER D 1 -1.56 32.80 -3.44
CA SER D 1 -2.24 33.07 -2.19
C SER D 1 -1.97 32.00 -1.12
N MET D 2 -1.43 30.83 -1.49
CA MET D 2 -0.85 30.04 -0.41
C MET D 2 0.44 30.72 0.07
N GLN D 3 0.81 30.42 1.30
CA GLN D 3 1.97 31.04 1.92
C GLN D 3 3.26 30.27 1.63
N PHE D 4 4.31 30.99 1.22
CA PHE D 4 5.61 30.42 0.95
C PHE D 4 6.68 31.20 1.70
N THR D 5 7.39 30.54 2.61
CA THR D 5 8.54 31.19 3.22
C THR D 5 9.70 31.35 2.23
N GLY D 6 9.89 30.36 1.33
CA GLY D 6 10.91 30.47 0.31
C GLY D 6 10.52 31.40 -0.84
N LYS D 7 11.50 31.71 -1.69
CA LYS D 7 11.31 32.77 -2.66
C LYS D 7 11.35 32.32 -4.12
N ASN D 8 11.92 31.15 -4.42
CA ASN D 8 12.09 30.77 -5.82
C ASN D 8 11.93 29.27 -5.98
N VAL D 9 11.76 28.84 -7.21
CA VAL D 9 11.53 27.42 -7.49
C VAL D 9 12.07 27.10 -8.89
N LEU D 10 12.68 25.92 -9.02
CA LEU D 10 13.12 25.40 -10.30
C LEU D 10 12.20 24.23 -10.66
N ILE D 11 11.63 24.26 -11.86
CA ILE D 11 10.72 23.22 -12.35
C ILE D 11 11.36 22.59 -13.57
N THR D 12 11.70 21.30 -13.51
CA THR D 12 12.31 20.70 -14.68
C THR D 12 11.25 20.33 -15.71
N GLY D 13 11.63 20.40 -16.99
CA GLY D 13 10.72 20.13 -18.08
C GLY D 13 9.44 20.94 -18.01
N ALA D 14 9.58 22.26 -17.91
CA ALA D 14 8.46 23.12 -17.56
C ALA D 14 7.90 23.91 -18.75
N SER D 15 8.24 23.52 -19.98
CA SER D 15 7.83 24.31 -21.15
C SER D 15 6.34 24.25 -21.41
N LYS D 16 5.71 23.10 -21.17
CA LYS D 16 4.34 22.86 -21.59
C LYS D 16 3.68 21.93 -20.59
N GLY D 17 2.39 21.69 -20.80
CA GLY D 17 1.66 20.69 -20.05
C GLY D 17 1.62 20.97 -18.55
N ILE D 18 1.76 19.90 -17.77
CA ILE D 18 1.71 20.04 -16.31
C ILE D 18 2.85 20.93 -15.82
N GLY D 19 4.04 20.75 -16.37
CA GLY D 19 5.16 21.56 -15.90
C GLY D 19 4.93 23.04 -16.13
N ALA D 20 4.33 23.40 -17.27
CA ALA D 20 4.09 24.83 -17.52
C ALA D 20 3.02 25.37 -16.60
N GLU D 21 2.02 24.54 -16.28
CA GLU D 21 0.99 25.04 -15.39
C GLU D 21 1.50 25.13 -13.95
N ILE D 22 2.43 24.25 -13.56
CA ILE D 22 3.08 24.42 -12.27
C ILE D 22 3.78 25.77 -12.22
N ALA D 23 4.52 26.12 -13.27
CA ALA D 23 5.19 27.42 -13.31
C ALA D 23 4.19 28.56 -13.27
N ARG D 24 3.09 28.44 -14.03
CA ARG D 24 2.04 29.45 -14.05
C ARG D 24 1.46 29.66 -12.66
N THR D 25 1.12 28.55 -11.99
CA THR D 25 0.51 28.62 -10.67
C THR D 25 1.47 29.21 -9.65
N LEU D 26 2.72 28.73 -9.65
CA LEU D 26 3.64 29.16 -8.60
C LEU D 26 4.05 30.61 -8.80
N ALA D 27 4.19 31.05 -10.06
CA ALA D 27 4.50 32.47 -10.30
C ALA D 27 3.35 33.35 -9.84
N SER D 28 2.11 32.91 -10.05
CA SER D 28 0.96 33.68 -9.62
C SER D 28 0.85 33.76 -8.11
N MET D 29 1.47 32.84 -7.37
CA MET D 29 1.52 32.95 -5.92
C MET D 29 2.79 33.63 -5.41
N GLY D 30 3.53 34.30 -6.30
CA GLY D 30 4.58 35.20 -5.90
C GLY D 30 5.97 34.63 -5.89
N LEU D 31 6.17 33.39 -6.32
CA LEU D 31 7.52 32.85 -6.39
C LEU D 31 8.19 33.22 -7.71
N LYS D 32 9.51 33.36 -7.66
CA LYS D 32 10.28 33.46 -8.90
C LYS D 32 10.42 32.07 -9.47
N VAL D 33 9.90 31.83 -10.67
CA VAL D 33 9.93 30.50 -11.28
C VAL D 33 11.04 30.43 -12.32
N TRP D 34 11.83 29.36 -12.25
CA TRP D 34 12.84 29.02 -13.25
C TRP D 34 12.28 27.91 -14.13
N ILE D 35 12.09 28.22 -15.40
CA ILE D 35 11.42 27.34 -16.35
C ILE D 35 12.52 26.57 -17.09
N ASN D 36 12.71 25.29 -16.74
CA ASN D 36 13.70 24.47 -17.46
C ASN D 36 13.16 23.94 -18.78
N TYR D 37 14.05 23.93 -19.76
CA TYR D 37 13.76 23.30 -21.06
C TYR D 37 15.07 22.70 -21.57
N ARG D 38 14.98 21.66 -22.39
CA ARG D 38 16.22 20.95 -22.82
C ARG D 38 16.66 21.34 -24.24
N SER D 39 15.74 21.55 -25.14
CA SER D 39 16.15 21.82 -26.54
CA SER D 39 16.14 21.81 -26.54
C SER D 39 15.58 23.06 -27.26
N ASN D 40 14.24 23.10 -27.42
CA ASN D 40 13.57 24.21 -28.13
C ASN D 40 13.11 25.33 -27.20
N ALA D 41 13.73 26.50 -27.29
CA ALA D 41 13.47 27.57 -26.32
C ALA D 41 12.20 28.38 -26.57
N GLU D 42 11.61 28.30 -27.74
CA GLU D 42 10.51 29.25 -28.08
C GLU D 42 9.31 29.12 -27.14
N VAL D 43 8.92 27.87 -26.89
CA VAL D 43 7.75 27.71 -26.04
C VAL D 43 8.05 28.19 -24.62
N ALA D 44 9.27 27.94 -24.12
CA ALA D 44 9.62 28.39 -22.77
C ALA D 44 9.74 29.89 -22.71
N ASP D 45 10.35 30.50 -23.73
CA ASP D 45 10.39 31.96 -23.82
C ASP D 45 8.99 32.55 -23.78
N ALA D 46 8.05 31.93 -24.51
CA ALA D 46 6.70 32.45 -24.56
C ALA D 46 6.01 32.34 -23.20
N LEU D 47 6.29 31.25 -22.48
CA LEU D 47 5.73 31.11 -21.14
C LEU D 47 6.31 32.15 -20.20
N LYS D 48 7.62 32.37 -20.27
CA LYS D 48 8.26 33.39 -19.44
C LYS D 48 7.69 34.77 -19.71
N ASN D 49 7.51 35.12 -20.99
CA ASN D 49 6.96 36.43 -21.31
C ASN D 49 5.52 36.57 -20.82
N GLU D 50 4.72 35.50 -20.96
CA GLU D 50 3.34 35.52 -20.46
C GLU D 50 3.30 35.84 -18.96
N LEU D 51 4.16 35.18 -18.18
CA LEU D 51 4.17 35.41 -16.75
C LEU D 51 4.69 36.81 -16.42
N GLU D 52 5.74 37.26 -17.11
CA GLU D 52 6.26 38.59 -16.79
C GLU D 52 5.28 39.69 -17.15
N GLU D 53 4.50 39.49 -18.21
CA GLU D 53 3.47 40.44 -18.59
C GLU D 53 2.35 40.50 -17.57
N LYS D 54 2.17 39.45 -16.78
CA LYS D 54 1.18 39.44 -15.71
C LYS D 54 1.73 40.04 -14.43
N GLY D 55 2.96 40.53 -14.44
CA GLY D 55 3.59 41.08 -13.26
C GLY D 55 4.28 40.07 -12.37
N TYR D 56 4.47 38.84 -12.85
CA TYR D 56 5.15 37.81 -12.08
C TYR D 56 6.64 37.78 -12.41
N LYS D 57 7.38 36.99 -11.64
CA LYS D 57 8.82 36.84 -11.82
C LYS D 57 9.09 35.45 -12.42
N ALA D 58 9.76 35.42 -13.56
CA ALA D 58 10.04 34.16 -14.26
C ALA D 58 11.36 34.28 -15.02
N ALA D 59 12.06 33.15 -15.17
CA ALA D 59 13.28 33.06 -15.97
C ALA D 59 13.30 31.69 -16.64
N VAL D 60 13.98 31.59 -17.77
CA VAL D 60 14.15 30.29 -18.43
C VAL D 60 15.57 29.82 -18.21
N ILE D 61 15.77 28.50 -18.28
CA ILE D 61 17.12 27.96 -18.09
C ILE D 61 17.22 26.66 -18.86
N LYS D 62 18.20 26.56 -19.76
CA LYS D 62 18.36 25.40 -20.62
C LYS D 62 19.28 24.38 -19.95
N PHE D 63 18.77 23.15 -19.72
CA PHE D 63 19.65 22.05 -19.37
C PHE D 63 18.89 20.73 -19.55
N ASP D 64 19.66 19.67 -19.70
CA ASP D 64 19.15 18.31 -19.75
C ASP D 64 19.11 17.79 -18.30
N ALA D 65 17.91 17.56 -17.76
CA ALA D 65 17.81 17.09 -16.38
C ALA D 65 18.34 15.67 -16.19
N ALA D 66 18.58 14.93 -17.27
CA ALA D 66 19.20 13.62 -17.13
C ALA D 66 20.72 13.66 -17.09
N SER D 67 21.33 14.84 -17.32
CA SER D 67 22.79 14.99 -17.29
C SER D 67 23.22 15.54 -15.93
N GLU D 68 24.05 14.77 -15.22
CA GLU D 68 24.50 15.21 -13.90
C GLU D 68 25.18 16.57 -13.97
N SER D 69 26.14 16.72 -14.88
CA SER D 69 26.89 17.98 -14.92
C SER D 69 26.02 19.16 -15.36
N ASP D 70 25.15 18.96 -16.35
CA ASP D 70 24.25 20.04 -16.80
C ASP D 70 23.31 20.47 -15.67
N PHE D 71 22.68 19.53 -15.01
CA PHE D 71 21.73 19.87 -13.91
C PHE D 71 22.50 20.53 -12.75
N VAL D 72 23.63 19.97 -12.41
CA VAL D 72 24.41 20.51 -11.29
C VAL D 72 24.79 21.95 -11.56
N GLU D 73 25.29 22.22 -12.77
CA GLU D 73 25.69 23.58 -13.14
C GLU D 73 24.50 24.53 -13.15
N ALA D 74 23.33 24.06 -13.60
CA ALA D 74 22.18 24.95 -13.68
C ALA D 74 21.73 25.39 -12.29
N ILE D 75 21.69 24.46 -11.33
CA ILE D 75 21.34 24.86 -9.98
C ILE D 75 22.40 25.80 -9.42
N GLN D 76 23.67 25.57 -9.74
CA GLN D 76 24.71 26.49 -9.31
C GLN D 76 24.49 27.88 -9.89
N ALA D 77 24.06 27.94 -11.16
CA ALA D 77 23.80 29.25 -11.77
C ALA D 77 22.63 29.95 -11.09
N ILE D 78 21.59 29.20 -10.72
CA ILE D 78 20.45 29.81 -10.03
C ILE D 78 20.87 30.32 -8.66
N VAL D 79 21.70 29.56 -7.95
CA VAL D 79 22.16 30.02 -6.65
C VAL D 79 23.00 31.29 -6.78
N GLN D 80 23.79 31.41 -7.85
CA GLN D 80 24.55 32.64 -8.05
C GLN D 80 23.64 33.81 -8.40
N SER D 81 22.58 33.56 -9.14
CA SER D 81 21.68 34.62 -9.57
C SER D 81 20.80 35.07 -8.40
N ASP D 82 20.21 34.12 -7.69
CA ASP D 82 19.17 34.42 -6.72
C ASP D 82 19.65 34.38 -5.29
N GLY D 83 20.85 33.83 -5.02
CA GLY D 83 21.33 33.67 -3.68
C GLY D 83 21.02 32.34 -3.04
N GLY D 84 20.23 31.50 -3.68
CA GLY D 84 19.82 30.24 -3.10
C GLY D 84 18.70 29.65 -3.93
N LEU D 85 18.20 28.51 -3.48
CA LEU D 85 17.07 27.86 -4.14
C LEU D 85 16.21 27.22 -3.06
N SER D 86 14.98 27.71 -2.91
CA SER D 86 14.08 27.28 -1.85
C SER D 86 13.34 25.99 -2.21
N TYR D 87 12.99 25.83 -3.48
CA TYR D 87 12.01 24.83 -3.90
C TYR D 87 12.45 24.21 -5.21
N LEU D 88 12.15 22.92 -5.36
CA LEU D 88 12.45 22.19 -6.59
C LEU D 88 11.28 21.27 -6.94
N VAL D 89 10.94 21.23 -8.22
CA VAL D 89 9.92 20.31 -8.74
C VAL D 89 10.55 19.48 -9.83
N ASN D 90 10.66 18.18 -9.60
CA ASN D 90 11.18 17.24 -10.60
C ASN D 90 10.00 16.79 -11.43
N ASN D 91 9.81 17.45 -12.58
CA ASN D 91 8.71 17.16 -13.48
C ASN D 91 9.14 16.52 -14.78
N ALA D 92 10.42 16.66 -15.15
CA ALA D 92 10.89 16.16 -16.44
C ALA D 92 10.66 14.65 -16.54
N GLY D 93 10.12 14.21 -17.67
CA GLY D 93 9.94 12.79 -17.91
C GLY D 93 9.47 12.55 -19.32
N VAL D 94 9.70 11.32 -19.79
CA VAL D 94 9.25 10.90 -21.11
C VAL D 94 8.53 9.57 -21.00
N VAL D 95 7.79 9.24 -22.05
CA VAL D 95 7.19 7.92 -22.20
C VAL D 95 7.78 7.28 -23.44
N ARG D 96 7.80 5.96 -23.45
CA ARG D 96 8.07 5.21 -24.67
C ARG D 96 7.34 3.87 -24.48
N ASP D 97 6.04 3.91 -24.68
CA ASP D 97 5.17 2.77 -24.38
C ASP D 97 5.31 1.69 -25.45
N LYS D 98 5.27 0.45 -25.02
CA LYS D 98 5.41 -0.72 -25.87
C LYS D 98 5.11 -1.93 -24.99
N LEU D 99 4.43 -2.94 -25.55
CA LEU D 99 4.42 -4.26 -24.89
C LEU D 99 5.86 -4.67 -24.60
N ALA D 100 6.08 -5.30 -23.44
CA ALA D 100 7.45 -5.62 -23.06
C ALA D 100 8.12 -6.53 -24.10
N ILE D 101 7.38 -7.47 -24.70
CA ILE D 101 8.04 -8.36 -25.65
C ILE D 101 8.60 -7.60 -26.85
N LYS D 102 8.09 -6.38 -27.12
CA LYS D 102 8.56 -5.56 -28.21
C LYS D 102 9.55 -4.50 -27.76
N MET D 103 9.86 -4.46 -26.45
CA MET D 103 10.70 -3.44 -25.84
C MET D 103 12.17 -3.84 -25.81
N LYS D 104 13.00 -3.04 -26.48
CA LYS D 104 14.46 -3.17 -26.48
C LYS D 104 14.91 -2.82 -25.06
N THR D 105 16.03 -3.38 -24.62
CA THR D 105 16.60 -2.88 -23.36
C THR D 105 16.91 -1.39 -23.45
N GLU D 106 17.17 -0.84 -24.65
CA GLU D 106 17.50 0.61 -24.77
C GLU D 106 16.25 1.45 -24.51
N ASP D 107 15.15 0.95 -24.99
CA ASP D 107 13.85 1.58 -24.70
C ASP D 107 13.60 1.65 -23.20
N PHE D 108 13.98 0.60 -22.48
CA PHE D 108 13.84 0.59 -21.04
C PHE D 108 14.81 1.57 -20.39
N HIS D 109 16.08 1.52 -20.80
CA HIS D 109 17.08 2.43 -20.24
C HIS D 109 16.73 3.88 -20.50
N HIS D 110 16.24 4.17 -21.71
CA HIS D 110 15.91 5.55 -22.09
C HIS D 110 14.94 6.17 -21.10
N VAL D 111 13.91 5.42 -20.72
CA VAL D 111 12.91 5.95 -19.79
C VAL D 111 13.46 5.99 -18.37
N ILE D 112 14.17 4.96 -17.93
CA ILE D 112 14.71 4.97 -16.57
C ILE D 112 15.67 6.15 -16.39
N ASP D 113 16.62 6.30 -17.32
CA ASP D 113 17.65 7.33 -17.18
C ASP D 113 17.04 8.72 -17.23
N ASN D 114 16.04 8.91 -18.07
CA ASN D 114 15.44 10.22 -18.23
C ASN D 114 14.47 10.57 -17.12
N ASN D 115 13.85 9.57 -16.50
CA ASN D 115 12.74 9.80 -15.58
C ASN D 115 13.12 9.64 -14.14
N LEU D 116 13.98 8.69 -13.84
CA LEU D 116 14.33 8.36 -12.47
C LEU D 116 15.67 8.96 -12.08
N THR D 117 16.70 8.79 -12.93
CA THR D 117 18.01 9.34 -12.59
C THR D 117 17.97 10.86 -12.57
N SER D 118 17.20 11.48 -13.47
CA SER D 118 16.98 12.92 -13.42
C SER D 118 16.47 13.35 -12.04
N ALA D 119 15.46 12.66 -11.52
CA ALA D 119 14.94 13.02 -10.20
C ALA D 119 15.96 12.77 -9.09
N PHE D 120 16.81 11.74 -9.23
CA PHE D 120 17.87 11.56 -8.26
C PHE D 120 18.79 12.78 -8.22
N ILE D 121 19.22 13.24 -9.40
CA ILE D 121 20.16 14.37 -9.45
C ILE D 121 19.55 15.59 -8.78
N GLY D 122 18.30 15.90 -9.14
CA GLY D 122 17.65 17.09 -8.58
C GLY D 122 17.46 16.99 -7.08
N CYS D 123 16.96 15.84 -6.61
CA CYS D 123 16.80 15.65 -5.16
C CYS D 123 18.15 15.76 -4.43
N ARG D 124 19.20 15.15 -4.99
CA ARG D 124 20.51 15.24 -4.34
C ARG D 124 20.99 16.69 -4.27
N GLU D 125 20.94 17.40 -5.39
CA GLU D 125 21.41 18.80 -5.39
C GLU D 125 20.54 19.68 -4.50
N ALA D 126 19.24 19.39 -4.40
CA ALA D 126 18.40 20.10 -3.45
C ALA D 126 18.89 19.92 -2.02
N LEU D 127 19.22 18.68 -1.63
CA LEU D 127 19.79 18.44 -0.30
C LEU D 127 21.01 19.31 -0.06
N LYS D 128 21.87 19.40 -1.08
CA LYS D 128 23.12 20.15 -0.93
C LYS D 128 22.86 21.62 -0.76
N VAL D 129 22.04 22.20 -1.63
CA VAL D 129 21.87 23.65 -1.61
C VAL D 129 20.86 24.12 -0.58
N MET D 130 19.90 23.29 -0.16
CA MET D 130 18.97 23.73 0.87
C MET D 130 19.44 23.43 2.29
N SER D 131 20.52 22.66 2.47
CA SER D 131 20.88 22.26 3.83
CA SER D 131 20.89 22.26 3.83
C SER D 131 21.40 23.43 4.66
N LYS D 132 22.13 24.37 4.04
CA LYS D 132 22.68 25.40 4.93
C LYS D 132 21.62 26.39 5.36
N SER D 133 20.51 26.43 4.61
CA SER D 133 19.31 27.16 4.95
C SER D 133 18.47 26.45 5.99
N ARG D 134 18.65 25.15 6.19
CA ARG D 134 17.74 24.36 7.01
C ARG D 134 16.31 24.65 6.60
N PHE D 135 16.09 24.74 5.29
CA PHE D 135 14.75 24.99 4.78
C PHE D 135 14.65 24.56 3.33
N GLY D 136 13.56 23.85 2.98
CA GLY D 136 13.29 23.61 1.58
C GLY D 136 12.12 22.66 1.36
N SER D 137 11.60 22.61 0.15
CA SER D 137 10.57 21.62 -0.16
C SER D 137 10.75 21.19 -1.60
N VAL D 138 10.62 19.89 -1.85
CA VAL D 138 10.85 19.28 -3.15
C VAL D 138 9.64 18.41 -3.47
N VAL D 139 9.09 18.56 -4.68
CA VAL D 139 7.99 17.72 -5.14
C VAL D 139 8.44 16.92 -6.35
N ASN D 140 8.22 15.61 -6.30
CA ASN D 140 8.51 14.73 -7.40
C ASN D 140 7.21 14.41 -8.12
N ILE D 141 7.13 14.71 -9.41
CA ILE D 141 5.91 14.44 -10.18
C ILE D 141 5.99 13.01 -10.69
N ALA D 142 5.21 12.11 -10.07
CA ALA D 142 5.21 10.71 -10.49
C ALA D 142 3.97 10.44 -11.34
N SER D 143 3.28 9.32 -11.10
CA SER D 143 2.10 8.97 -11.89
C SER D 143 1.35 7.84 -11.21
N ILE D 144 0.04 7.81 -11.41
CA ILE D 144 -0.75 6.63 -11.05
C ILE D 144 -0.10 5.35 -11.59
N ILE D 145 0.59 5.45 -12.74
CA ILE D 145 1.17 4.25 -13.33
C ILE D 145 2.28 3.68 -12.47
N GLY D 146 2.95 4.55 -11.69
CA GLY D 146 3.93 4.05 -10.72
C GLY D 146 3.32 3.39 -9.50
N GLU D 147 2.03 3.63 -9.24
CA GLU D 147 1.34 2.98 -8.12
C GLU D 147 0.67 1.66 -8.51
N ARG D 148 0.01 1.59 -9.66
CA ARG D 148 -0.72 0.37 -10.00
C ARG D 148 -0.17 -0.35 -11.23
N GLY D 149 0.79 0.22 -11.94
CA GLY D 149 1.32 -0.41 -13.13
C GLY D 149 0.35 -0.28 -14.28
N ASN D 150 0.78 -0.74 -15.46
CA ASN D 150 -0.12 -0.67 -16.60
C ASN D 150 0.47 -1.49 -17.76
N MET D 151 -0.41 -2.17 -18.48
CA MET D 151 0.00 -2.82 -19.72
C MET D 151 0.70 -1.82 -20.64
N GLY D 152 1.79 -2.29 -21.25
CA GLY D 152 2.56 -1.47 -22.16
C GLY D 152 3.46 -0.43 -21.51
N GLN D 153 3.53 -0.37 -20.18
CA GLN D 153 4.31 0.66 -19.51
C GLN D 153 5.25 0.06 -18.46
N THR D 154 5.85 -1.10 -18.76
CA THR D 154 6.83 -1.66 -17.81
C THR D 154 7.95 -0.67 -17.52
N ASN D 155 8.41 0.06 -18.55
CA ASN D 155 9.52 1.00 -18.31
C ASN D 155 9.05 2.24 -17.56
N TYR D 156 7.94 2.85 -18.00
CA TYR D 156 7.44 4.04 -17.30
C TYR D 156 7.06 3.73 -15.85
N SER D 157 6.36 2.61 -15.61
CA SER D 157 5.96 2.28 -14.25
C SER D 157 7.19 2.05 -13.37
N ALA D 158 8.22 1.38 -13.91
CA ALA D 158 9.45 1.20 -13.15
C ALA D 158 10.05 2.56 -12.78
N SER D 159 10.11 3.48 -13.75
CA SER D 159 10.74 4.78 -13.45
C SER D 159 9.94 5.55 -12.41
N LYS D 160 8.62 5.50 -12.49
CA LYS D 160 7.81 6.30 -11.57
C LYS D 160 7.60 5.62 -10.21
N GLY D 161 7.47 4.30 -10.18
CA GLY D 161 7.47 3.61 -8.90
C GLY D 161 8.80 3.76 -8.18
N GLY D 162 9.90 3.75 -8.92
CA GLY D 162 11.20 4.01 -8.32
C GLY D 162 11.28 5.44 -7.78
N MET D 163 10.76 6.38 -8.52
CA MET D 163 10.71 7.78 -8.05
C MET D 163 9.92 7.90 -6.73
N ILE D 164 8.77 7.27 -6.65
CA ILE D 164 7.94 7.40 -5.46
C ILE D 164 8.68 6.89 -4.23
N ALA D 165 9.35 5.73 -4.37
CA ALA D 165 10.08 5.18 -3.23
C ALA D 165 11.34 5.96 -2.93
N MET D 166 12.09 6.34 -3.97
CA MET D 166 13.32 7.11 -3.75
C MET D 166 13.01 8.41 -3.01
N SER D 167 11.88 9.02 -3.33
CA SER D 167 11.51 10.29 -2.70
C SER D 167 11.40 10.12 -1.19
N LYS D 168 10.86 9.00 -0.73
CA LYS D 168 10.73 8.76 0.70
C LYS D 168 12.10 8.68 1.35
N SER D 169 13.07 8.06 0.66
CA SER D 169 14.41 7.98 1.23
C SER D 169 15.05 9.37 1.31
N PHE D 170 14.84 10.22 0.30
CA PHE D 170 15.27 11.62 0.43
C PHE D 170 14.56 12.32 1.56
N ALA D 171 13.27 12.06 1.75
CA ALA D 171 12.57 12.64 2.91
C ALA D 171 13.29 12.31 4.22
N TYR D 172 13.72 11.07 4.40
CA TYR D 172 14.44 10.73 5.63
C TYR D 172 15.75 11.50 5.73
N GLU D 173 16.48 11.65 4.63
CA GLU D 173 17.79 12.29 4.71
C GLU D 173 17.71 13.81 4.82
N GLY D 174 16.60 14.42 4.40
CA GLY D 174 16.50 15.87 4.49
C GLY D 174 15.71 16.36 5.70
N ALA D 175 15.11 15.43 6.45
CA ALA D 175 14.12 15.84 7.44
C ALA D 175 14.72 16.64 8.58
N LEU D 176 15.91 16.26 9.07
CA LEU D 176 16.48 16.95 10.22
C LEU D 176 16.75 18.42 9.89
N ARG D 177 17.03 18.71 8.63
CA ARG D 177 17.31 20.06 8.16
C ARG D 177 16.06 20.71 7.55
N ASN D 178 14.89 20.16 7.84
CA ASN D 178 13.61 20.71 7.40
C ASN D 178 13.55 20.85 5.88
N ILE D 179 14.06 19.83 5.18
CA ILE D 179 13.97 19.76 3.73
C ILE D 179 13.00 18.64 3.43
N ARG D 180 11.79 18.99 2.99
CA ARG D 180 10.72 18.03 2.79
C ARG D 180 10.70 17.51 1.36
N PHE D 181 10.40 16.23 1.20
CA PHE D 181 10.30 15.58 -0.11
C PHE D 181 8.95 14.87 -0.18
N ASN D 182 8.16 15.20 -1.19
CA ASN D 182 6.86 14.57 -1.38
C ASN D 182 6.67 14.30 -2.86
N SER D 183 5.82 13.34 -3.17
CA SER D 183 5.47 13.05 -4.56
C SER D 183 4.00 13.37 -4.81
N VAL D 184 3.73 13.66 -6.03
CA VAL D 184 2.30 13.70 -6.52
CA VAL D 184 2.29 13.68 -6.49
C VAL D 184 2.12 12.57 -7.62
N THR D 185 1.00 11.87 -7.52
CA THR D 185 0.70 10.86 -8.54
C THR D 185 -0.54 11.26 -9.31
N PRO D 186 -0.40 12.03 -10.40
CA PRO D 186 -1.56 12.38 -11.22
C PRO D 186 -2.13 11.17 -11.92
N GLY D 187 -3.45 11.21 -12.12
CA GLY D 187 -4.16 10.25 -12.94
C GLY D 187 -4.11 10.66 -14.40
N PHE D 188 -5.26 10.60 -15.08
CA PHE D 188 -5.35 11.00 -16.48
C PHE D 188 -5.63 12.49 -16.54
N ILE D 189 -4.66 13.26 -17.03
CA ILE D 189 -4.72 14.72 -17.07
C ILE D 189 -4.86 15.18 -18.50
N GLU D 190 -5.68 16.21 -18.72
CA GLU D 190 -6.02 16.59 -20.09
C GLU D 190 -4.82 17.17 -20.88
N THR D 191 -3.94 17.95 -20.25
CA THR D 191 -2.75 18.42 -20.99
C THR D 191 -1.78 17.29 -21.30
N LYS D 202 -10.85 7.44 -25.26
CA LYS D 202 -10.74 8.42 -24.18
C LYS D 202 -11.96 8.36 -23.28
N ALA D 203 -13.14 8.27 -23.92
CA ALA D 203 -14.35 8.01 -23.16
C ALA D 203 -14.20 6.76 -22.31
N ASP D 204 -13.49 5.75 -22.82
CA ASP D 204 -13.27 4.52 -22.04
C ASP D 204 -12.52 4.80 -20.75
N TYR D 205 -11.48 5.63 -20.81
CA TYR D 205 -10.71 5.91 -19.61
C TYR D 205 -11.52 6.76 -18.63
N VAL D 206 -12.35 7.68 -19.15
CA VAL D 206 -13.18 8.51 -18.29
C VAL D 206 -14.25 7.67 -17.59
N LYS D 207 -14.68 6.55 -18.20
CA LYS D 207 -15.68 5.70 -17.56
C LYS D 207 -15.21 5.23 -16.20
N ASN D 208 -13.91 5.05 -16.01
CA ASN D 208 -13.39 4.47 -14.79
C ASN D 208 -13.04 5.52 -13.74
N ILE D 209 -13.16 6.81 -14.06
CA ILE D 209 -12.84 7.89 -13.14
C ILE D 209 -14.11 8.26 -12.40
N PRO D 210 -14.15 8.13 -11.07
CA PRO D 210 -15.39 8.53 -10.36
C PRO D 210 -15.80 9.97 -10.62
N LEU D 211 -14.88 10.92 -10.66
CA LEU D 211 -15.29 12.31 -10.90
C LEU D 211 -15.75 12.54 -12.34
N ASN D 212 -15.62 11.54 -13.20
CA ASN D 212 -16.25 11.51 -14.52
C ASN D 212 -15.70 12.59 -15.44
N ARG D 213 -14.40 12.87 -15.31
CA ARG D 213 -13.72 13.80 -16.21
C ARG D 213 -12.23 13.59 -16.06
N LEU D 214 -11.49 14.01 -17.09
CA LEU D 214 -10.05 14.14 -16.96
C LEU D 214 -9.72 15.29 -16.02
N GLY D 215 -8.56 15.19 -15.36
CA GLY D 215 -8.10 16.30 -14.54
C GLY D 215 -7.51 17.43 -15.37
N ALA D 216 -7.59 18.64 -14.83
CA ALA D 216 -6.95 19.80 -15.42
C ALA D 216 -5.51 19.87 -14.92
N ALA D 217 -4.60 20.31 -15.80
CA ALA D 217 -3.22 20.52 -15.35
C ALA D 217 -3.16 21.43 -14.13
N LYS D 218 -4.07 22.42 -14.07
CA LYS D 218 -4.12 23.31 -12.92
C LYS D 218 -4.39 22.54 -11.63
N GLU D 219 -5.16 21.47 -11.70
CA GLU D 219 -5.48 20.72 -10.50
C GLU D 219 -4.25 19.97 -9.99
N VAL D 220 -3.36 19.57 -10.89
CA VAL D 220 -2.08 18.99 -10.46
C VAL D 220 -1.21 20.09 -9.87
N ALA D 221 -1.12 21.22 -10.57
CA ALA D 221 -0.25 22.31 -10.15
C ALA D 221 -0.59 22.81 -8.75
N GLU D 222 -1.88 22.89 -8.41
CA GLU D 222 -2.24 23.43 -7.11
C GLU D 222 -1.97 22.43 -5.98
N ALA D 223 -2.05 21.13 -6.27
CA ALA D 223 -1.59 20.14 -5.30
C ALA D 223 -0.08 20.23 -5.09
N VAL D 224 0.68 20.39 -6.18
CA VAL D 224 2.13 20.61 -6.07
C VAL D 224 2.40 21.85 -5.23
N ALA D 225 1.68 22.93 -5.51
CA ALA D 225 1.84 24.16 -4.74
C ALA D 225 1.61 23.93 -3.25
N PHE D 226 0.55 23.20 -2.90
CA PHE D 226 0.31 22.87 -1.49
C PHE D 226 1.52 22.20 -0.85
N LEU D 227 2.09 21.20 -1.54
CA LEU D 227 3.22 20.46 -0.96
C LEU D 227 4.47 21.32 -0.84
N LEU D 228 4.66 22.31 -1.72
CA LEU D 228 5.80 23.21 -1.54
C LEU D 228 5.50 24.25 -0.47
N SER D 229 4.25 24.63 -0.29
CA SER D 229 3.86 25.74 0.58
C SER D 229 4.12 25.44 2.05
N ASP D 230 4.12 26.51 2.86
CA ASP D 230 4.20 26.37 4.32
C ASP D 230 3.03 25.59 4.88
N HIS D 231 1.92 25.49 4.14
CA HIS D 231 0.74 24.83 4.68
C HIS D 231 0.93 23.34 4.88
N SER D 232 1.93 22.74 4.21
CA SER D 232 2.18 21.31 4.33
C SER D 232 3.42 21.05 5.19
N SER D 233 3.73 21.98 6.10
CA SER D 233 5.03 21.94 6.78
C SER D 233 5.25 20.71 7.66
N TYR D 234 4.20 19.97 8.01
CA TYR D 234 4.40 18.72 8.77
C TYR D 234 4.21 17.48 7.89
N ILE D 235 4.24 17.65 6.57
CA ILE D 235 4.04 16.54 5.64
C ILE D 235 5.35 16.32 4.90
N THR D 236 5.91 15.12 5.09
CA THR D 236 7.07 14.69 4.30
C THR D 236 7.01 13.16 4.10
N GLY D 237 7.54 12.68 2.99
CA GLY D 237 7.49 11.24 2.69
C GLY D 237 6.13 10.78 2.20
N GLU D 238 5.34 11.74 1.74
CA GLU D 238 3.99 11.41 1.27
C GLU D 238 3.90 11.31 -0.26
N THR D 239 2.85 10.64 -0.72
CA THR D 239 2.56 10.47 -2.16
C THR D 239 1.09 10.91 -2.32
N LEU D 240 0.89 12.10 -2.86
CA LEU D 240 -0.47 12.66 -3.00
C LEU D 240 -1.12 12.27 -4.33
N LYS D 241 -2.19 11.50 -4.21
CA LYS D 241 -2.91 11.06 -5.41
C LYS D 241 -3.75 12.21 -5.94
N VAL D 242 -3.64 12.47 -7.25
CA VAL D 242 -4.47 13.50 -7.87
C VAL D 242 -5.09 12.87 -9.11
N ASN D 243 -6.10 12.00 -8.89
CA ASN D 243 -6.55 11.13 -9.97
C ASN D 243 -8.07 11.04 -10.09
N GLY D 244 -8.81 11.90 -9.40
CA GLY D 244 -10.26 11.89 -9.51
C GLY D 244 -10.93 10.66 -8.93
N GLY D 245 -10.21 9.87 -8.11
CA GLY D 245 -10.75 8.64 -7.58
C GLY D 245 -10.46 7.41 -8.41
N LEU D 246 -9.71 7.57 -9.51
CA LEU D 246 -9.38 6.46 -10.40
C LEU D 246 -8.60 5.37 -9.66
N TYR D 247 -7.84 5.74 -8.64
CA TYR D 247 -7.13 4.76 -7.83
C TYR D 247 -7.21 5.23 -6.38
N MET D 248 -7.61 4.34 -5.49
CA MET D 248 -7.71 4.68 -4.08
C MET D 248 -6.90 3.64 -3.28
N LEU E 6 5.00 19.37 42.09
CA LEU E 6 3.77 18.60 42.32
C LEU E 6 3.35 17.87 41.02
N MET E 7 2.86 18.65 40.08
CA MET E 7 2.38 18.17 38.79
C MET E 7 3.55 17.57 38.04
N ALA E 8 4.74 18.13 38.14
CA ALA E 8 5.84 17.53 37.38
C ALA E 8 6.07 16.08 37.80
N LEU E 9 6.01 15.80 39.08
CA LEU E 9 6.21 14.40 39.48
C LEU E 9 5.04 13.55 38.98
N PHE E 10 3.82 14.05 39.08
CA PHE E 10 2.66 13.29 38.59
C PHE E 10 2.84 12.93 37.11
N GLU E 11 3.14 13.90 36.26
CA GLU E 11 3.34 13.63 34.84
C GLU E 11 4.39 12.53 34.65
N ASP E 12 5.52 12.69 35.32
CA ASP E 12 6.62 11.73 35.24
C ASP E 12 6.17 10.33 35.60
N ILE E 13 5.40 10.20 36.67
CA ILE E 13 4.91 8.90 37.12
C ILE E 13 3.80 8.40 36.21
N GLN E 14 2.91 9.30 35.80
CA GLN E 14 1.83 8.92 34.90
C GLN E 14 2.37 8.29 33.62
N ALA E 15 3.47 8.84 33.09
CA ALA E 15 4.06 8.30 31.88
C ALA E 15 4.56 6.88 32.08
N VAL E 16 5.23 6.63 33.21
CA VAL E 16 5.71 5.27 33.49
C VAL E 16 4.53 4.32 33.61
N ILE E 17 3.46 4.74 34.29
CA ILE E 17 2.34 3.84 34.48
C ILE E 17 1.70 3.53 33.13
N ALA E 18 1.53 4.56 32.30
CA ALA E 18 0.87 4.38 31.01
C ALA E 18 1.64 3.41 30.13
N GLU E 19 2.96 3.57 30.03
CA GLU E 19 3.70 2.66 29.17
C GLU E 19 3.73 1.26 29.76
N GLN E 20 3.82 1.15 31.09
CA GLN E 20 3.92 -0.17 31.71
C GLN E 20 2.64 -0.96 31.53
N LEU E 21 1.49 -0.30 31.67
CA LEU E 21 0.20 -0.97 31.63
C LEU E 21 -0.45 -0.92 30.25
N ASN E 22 0.21 -0.30 29.27
CA ASN E 22 -0.27 -0.22 27.90
C ASN E 22 -1.66 0.42 27.80
N VAL E 23 -1.79 1.61 28.41
CA VAL E 23 -3.02 2.38 28.34
C VAL E 23 -2.65 3.78 27.87
N ASP E 24 -3.62 4.46 27.24
CA ASP E 24 -3.39 5.86 26.94
C ASP E 24 -3.37 6.66 28.24
N ALA E 25 -2.58 7.74 28.25
CA ALA E 25 -2.34 8.50 29.48
C ALA E 25 -3.64 9.01 30.12
N ALA E 26 -4.61 9.41 29.30
CA ALA E 26 -5.85 9.97 29.82
C ALA E 26 -6.55 9.04 30.80
N GLN E 27 -6.30 7.75 30.71
CA GLN E 27 -6.87 6.80 31.65
C GLN E 27 -6.18 6.84 33.00
N VAL E 28 -4.96 7.36 33.05
CA VAL E 28 -4.11 7.33 34.23
C VAL E 28 -4.32 8.61 35.03
N THR E 29 -5.44 8.69 35.68
CA THR E 29 -5.77 9.80 36.53
C THR E 29 -5.48 9.45 37.98
N PRO E 30 -5.43 10.45 38.87
CA PRO E 30 -5.15 10.14 40.29
C PRO E 30 -6.08 9.11 40.90
N GLU E 31 -7.33 9.05 40.46
CA GLU E 31 -8.32 8.17 41.05
C GLU E 31 -8.36 6.79 40.41
N ALA E 32 -7.63 6.59 39.31
CA ALA E 32 -7.65 5.32 38.60
C ALA E 32 -6.93 4.25 39.41
N GLU E 33 -7.58 3.08 39.56
CA GLU E 33 -7.02 1.94 40.27
C GLU E 33 -6.23 1.05 39.31
N PHE E 34 -5.03 0.64 39.73
CA PHE E 34 -4.16 -0.16 38.87
C PHE E 34 -4.84 -1.43 38.39
N VAL E 35 -5.49 -2.15 39.30
CA VAL E 35 -6.14 -3.41 38.92
C VAL E 35 -7.53 -3.16 38.32
N LYS E 36 -8.43 -2.56 39.10
CA LYS E 36 -9.84 -2.44 38.69
C LYS E 36 -9.98 -1.63 37.40
N ASP E 37 -9.33 -0.47 37.31
CA ASP E 37 -9.55 0.41 36.18
C ASP E 37 -8.53 0.21 35.07
N LEU E 38 -7.27 -0.02 35.41
CA LEU E 38 -6.20 -0.05 34.42
C LEU E 38 -5.82 -1.47 34.02
N GLY E 39 -6.44 -2.48 34.61
CA GLY E 39 -6.29 -3.86 34.16
C GLY E 39 -4.96 -4.50 34.46
N ALA E 40 -4.21 -3.99 35.44
CA ALA E 40 -2.94 -4.62 35.79
C ALA E 40 -3.18 -6.01 36.34
N ASP E 41 -2.42 -6.98 35.82
CA ASP E 41 -2.47 -8.31 36.42
C ASP E 41 -1.30 -8.47 37.38
N SER E 42 -1.04 -9.72 37.75
CA SER E 42 -0.02 -10.04 38.75
C SER E 42 1.38 -9.68 38.29
N LEU E 43 1.74 -10.08 37.08
CA LEU E 43 3.06 -9.78 36.54
C LEU E 43 3.21 -8.27 36.31
N ASP E 44 2.10 -7.61 35.91
CA ASP E 44 2.15 -6.17 35.68
C ASP E 44 2.48 -5.42 36.96
N VAL E 45 1.90 -5.85 38.07
CA VAL E 45 2.14 -5.17 39.34
C VAL E 45 3.61 -5.27 39.72
N VAL E 46 4.19 -6.48 39.64
CA VAL E 46 5.60 -6.65 39.98
C VAL E 46 6.47 -5.82 39.05
N GLU E 47 6.21 -5.90 37.74
CA GLU E 47 6.97 -5.14 36.76
C GLU E 47 6.91 -3.66 37.06
N LEU E 48 5.72 -3.14 37.38
CA LEU E 48 5.56 -1.72 37.65
C LEU E 48 6.28 -1.31 38.91
N ILE E 49 6.16 -2.11 39.96
CA ILE E 49 6.89 -1.82 41.20
C ILE E 49 8.38 -1.72 40.91
N MET E 50 8.94 -2.70 40.21
CA MET E 50 10.39 -2.71 40.03
C MET E 50 10.82 -1.53 39.18
N ALA E 51 9.98 -1.12 38.21
CA ALA E 51 10.33 0.03 37.37
C ALA E 51 10.32 1.32 38.17
N LEU E 52 9.34 1.50 39.06
CA LEU E 52 9.31 2.72 39.86
C LEU E 52 10.43 2.71 40.89
N GLU E 53 10.71 1.53 41.47
CA GLU E 53 11.83 1.43 42.40
C GLU E 53 13.14 1.79 41.72
N GLU E 54 13.34 1.32 40.49
CA GLU E 54 14.56 1.65 39.76
C GLU E 54 14.59 3.13 39.39
N LYS E 55 13.44 3.69 38.98
CA LYS E 55 13.42 5.07 38.52
C LYS E 55 13.72 6.04 39.66
N PHE E 56 13.15 5.79 40.82
CA PHE E 56 13.19 6.75 41.90
C PHE E 56 14.15 6.36 43.03
N GLY E 57 14.77 5.19 42.94
CA GLY E 57 15.75 4.80 43.93
C GLY E 57 15.15 4.48 45.28
N ILE E 58 13.92 3.97 45.29
CA ILE E 58 13.25 3.61 46.52
C ILE E 58 13.01 2.10 46.50
N GLU E 59 12.65 1.57 47.67
CA GLU E 59 12.21 0.19 47.78
C GLU E 59 10.96 0.19 48.65
N ILE E 60 9.85 -0.25 48.07
CA ILE E 60 8.59 -0.19 48.82
C ILE E 60 8.33 -1.49 49.57
N PRO E 61 8.05 -1.41 50.88
CA PRO E 61 7.68 -2.62 51.62
C PRO E 61 6.48 -3.29 50.98
N ASP E 62 6.53 -4.62 50.87
CA ASP E 62 5.45 -5.37 50.23
C ASP E 62 4.10 -5.04 50.83
N GLU E 63 4.03 -4.92 52.15
CA GLU E 63 2.76 -4.63 52.80
C GLU E 63 2.22 -3.26 52.42
N GLN E 64 3.10 -2.30 52.14
CA GLN E 64 2.65 -0.97 51.76
C GLN E 64 2.33 -0.90 50.28
N ALA E 65 3.03 -1.68 49.45
CA ALA E 65 2.66 -1.77 48.04
C ALA E 65 1.23 -2.27 47.89
N GLU E 66 0.83 -3.23 48.73
CA GLU E 66 -0.51 -3.81 48.68
C GLU E 66 -1.60 -2.80 49.01
N LYS E 67 -1.26 -1.71 49.69
CA LYS E 67 -2.23 -0.66 50.03
C LYS E 67 -2.19 0.52 49.06
N ILE E 68 -1.35 0.48 48.03
CA ILE E 68 -1.42 1.47 46.95
C ILE E 68 -2.43 0.97 45.93
N VAL E 69 -3.64 1.52 45.98
CA VAL E 69 -4.71 1.03 45.13
C VAL E 69 -4.83 1.88 43.86
N ASN E 70 -4.52 3.18 43.95
CA ASN E 70 -4.73 4.08 42.82
C ASN E 70 -3.48 4.91 42.54
N VAL E 71 -3.55 5.65 41.44
CA VAL E 71 -2.40 6.39 40.93
C VAL E 71 -1.97 7.47 41.92
N GLY E 72 -2.92 8.18 42.52
CA GLY E 72 -2.55 9.19 43.50
C GLY E 72 -1.79 8.60 44.68
N ASP E 73 -2.16 7.39 45.08
CA ASP E 73 -1.47 6.70 46.18
C ASP E 73 0.01 6.53 45.90
N VAL E 74 0.39 6.13 44.67
CA VAL E 74 1.81 5.92 44.42
C VAL E 74 2.53 7.24 44.22
N VAL E 75 1.86 8.26 43.69
CA VAL E 75 2.51 9.56 43.55
C VAL E 75 2.83 10.12 44.92
N LYS E 76 1.89 9.98 45.86
CA LYS E 76 2.10 10.40 47.25
C LYS E 76 3.24 9.60 47.89
N TYR E 77 3.22 8.27 47.72
CA TYR E 77 4.31 7.46 48.26
C TYR E 77 5.66 7.93 47.72
N ILE E 78 5.73 8.26 46.43
CA ILE E 78 7.00 8.61 45.83
C ILE E 78 7.46 10.01 46.28
N GLU E 79 6.55 10.98 46.41
CA GLU E 79 7.02 12.27 46.95
C GLU E 79 7.61 12.08 48.33
N ASP E 80 6.94 11.30 49.16
CA ASP E 80 7.33 11.19 50.56
C ASP E 80 8.69 10.50 50.73
N ASN E 81 9.08 9.63 49.79
CA ASN E 81 10.18 8.72 50.07
C ASN E 81 11.39 8.89 49.16
N LYS E 82 11.28 9.58 48.04
CA LYS E 82 12.46 9.72 47.20
C LYS E 82 13.40 10.77 47.78
N LEU E 83 14.64 10.77 47.30
CA LEU E 83 15.59 11.77 47.74
C LEU E 83 15.27 13.11 47.07
N ALA E 84 15.40 14.19 47.84
CA ALA E 84 15.25 15.54 47.31
C ALA E 84 16.12 15.70 46.07
N SER F 1 14.68 -18.82 -60.37
CA SER F 1 13.67 -18.02 -61.06
C SER F 1 12.71 -17.36 -60.07
N SER F 2 11.92 -16.42 -60.58
CA SER F 2 11.01 -15.68 -59.70
C SER F 2 10.01 -16.62 -59.05
N MET F 3 9.46 -17.58 -59.80
CA MET F 3 8.54 -18.50 -59.15
C MET F 3 9.27 -19.43 -58.21
N GLY F 4 10.46 -19.90 -58.60
CA GLY F 4 11.26 -20.71 -57.69
C GLY F 4 11.46 -20.03 -56.35
N TYR F 5 11.72 -18.72 -56.38
CA TYR F 5 11.88 -17.94 -55.16
C TYR F 5 10.57 -17.87 -54.38
N LEU F 6 9.48 -17.49 -55.04
CA LEU F 6 8.14 -17.49 -54.45
C LEU F 6 7.84 -18.79 -53.71
N MET F 7 7.95 -19.92 -54.40
CA MET F 7 7.81 -21.25 -53.80
C MET F 7 8.57 -21.35 -52.48
N ALA F 8 9.88 -21.09 -52.53
CA ALA F 8 10.73 -21.23 -51.35
C ALA F 8 10.34 -20.24 -50.26
N LEU F 9 10.09 -18.98 -50.63
CA LEU F 9 9.64 -17.97 -49.68
C LEU F 9 8.34 -18.40 -49.00
N PHE F 10 7.34 -18.76 -49.79
CA PHE F 10 6.07 -19.16 -49.21
C PHE F 10 6.24 -20.34 -48.27
N GLU F 11 7.12 -21.26 -48.63
CA GLU F 11 7.36 -22.43 -47.78
C GLU F 11 7.97 -22.03 -46.44
N ASP F 12 8.91 -21.08 -46.42
CA ASP F 12 9.44 -20.61 -45.15
C ASP F 12 8.38 -19.91 -44.32
N ILE F 13 7.59 -19.03 -44.96
CA ILE F 13 6.53 -18.33 -44.25
C ILE F 13 5.53 -19.31 -43.68
N GLN F 14 5.11 -20.28 -44.50
CA GLN F 14 4.12 -21.27 -44.08
C GLN F 14 4.55 -22.00 -42.81
N ALA F 15 5.84 -22.36 -42.70
CA ALA F 15 6.29 -23.15 -41.55
C ALA F 15 6.31 -22.31 -40.28
N VAL F 16 6.74 -21.06 -40.40
CA VAL F 16 6.68 -20.13 -39.26
C VAL F 16 5.26 -20.02 -38.75
N ILE F 17 4.32 -19.73 -39.65
CA ILE F 17 2.94 -19.56 -39.23
C ILE F 17 2.39 -20.84 -38.62
N ALA F 18 2.75 -21.98 -39.22
CA ALA F 18 2.21 -23.25 -38.76
C ALA F 18 2.69 -23.59 -37.34
N GLU F 19 3.96 -23.33 -37.00
CA GLU F 19 4.30 -23.52 -35.59
C GLU F 19 3.67 -22.45 -34.72
N GLN F 20 3.90 -21.17 -35.04
CA GLN F 20 3.42 -20.09 -34.19
C GLN F 20 1.96 -20.30 -33.77
N LEU F 21 1.12 -20.72 -34.70
CA LEU F 21 -0.29 -20.88 -34.43
C LEU F 21 -0.70 -22.32 -34.18
N ASN F 22 0.25 -23.25 -34.24
CA ASN F 22 0.02 -24.68 -34.06
C ASN F 22 -1.16 -25.16 -34.89
N VAL F 23 -1.02 -24.97 -36.20
CA VAL F 23 -1.97 -25.47 -37.18
C VAL F 23 -1.18 -26.25 -38.22
N ASP F 24 -1.88 -27.13 -38.94
CA ASP F 24 -1.24 -27.85 -40.02
C ASP F 24 -0.95 -26.92 -41.20
N ALA F 25 0.21 -27.11 -41.82
CA ALA F 25 0.68 -26.24 -42.89
C ALA F 25 -0.29 -26.19 -44.07
N ALA F 26 -1.10 -27.23 -44.26
CA ALA F 26 -2.07 -27.21 -45.35
C ALA F 26 -3.19 -26.23 -45.08
N GLN F 27 -3.41 -25.85 -43.82
CA GLN F 27 -4.35 -24.80 -43.48
C GLN F 27 -3.81 -23.41 -43.78
N VAL F 28 -2.50 -23.29 -43.98
CA VAL F 28 -1.84 -22.01 -44.13
C VAL F 28 -1.75 -21.69 -45.62
N THR F 29 -2.89 -21.22 -46.19
CA THR F 29 -2.96 -20.79 -47.58
C THR F 29 -2.91 -19.27 -47.65
N PRO F 30 -2.63 -18.70 -48.84
CA PRO F 30 -2.59 -17.24 -48.92
C PRO F 30 -3.84 -16.52 -48.43
N GLU F 31 -5.01 -17.14 -48.54
CA GLU F 31 -6.24 -16.46 -48.16
C GLU F 31 -6.64 -16.67 -46.70
N ALA F 32 -5.92 -17.53 -45.98
CA ALA F 32 -6.30 -17.83 -44.60
C ALA F 32 -5.97 -16.64 -43.70
N GLU F 33 -6.93 -16.27 -42.85
CA GLU F 33 -6.71 -15.20 -41.90
C GLU F 33 -6.24 -15.78 -40.57
N PHE F 34 -5.27 -15.10 -39.95
CA PHE F 34 -4.71 -15.62 -38.70
C PHE F 34 -5.79 -15.86 -37.65
N VAL F 35 -6.65 -14.87 -37.43
CA VAL F 35 -7.65 -14.98 -36.37
C VAL F 35 -8.84 -15.82 -36.84
N LYS F 36 -9.51 -15.37 -37.92
CA LYS F 36 -10.77 -16.01 -38.31
C LYS F 36 -10.56 -17.47 -38.73
N ASP F 37 -9.47 -17.77 -39.43
CA ASP F 37 -9.27 -19.11 -39.96
C ASP F 37 -8.27 -19.96 -39.22
N LEU F 38 -7.27 -19.36 -38.57
CA LEU F 38 -6.17 -20.13 -38.02
C LEU F 38 -6.13 -20.06 -36.50
N GLY F 39 -7.19 -19.57 -35.87
CA GLY F 39 -7.37 -19.66 -34.42
C GLY F 39 -6.51 -18.75 -33.59
N ALA F 40 -5.87 -17.78 -34.23
CA ALA F 40 -5.05 -16.83 -33.48
C ALA F 40 -5.85 -15.84 -32.64
N ASP F 41 -5.26 -15.43 -31.53
CA ASP F 41 -5.85 -14.27 -30.85
C ASP F 41 -4.96 -13.07 -31.20
N SER F 42 -5.35 -11.91 -30.69
CA SER F 42 -4.60 -10.66 -30.97
C SER F 42 -3.11 -10.78 -30.59
N LEU F 43 -2.80 -11.36 -29.44
CA LEU F 43 -1.37 -11.46 -28.97
C LEU F 43 -0.62 -12.43 -29.87
N ASP F 44 -1.29 -13.51 -30.26
CA ASP F 44 -0.68 -14.47 -31.21
C ASP F 44 -0.18 -13.70 -32.45
N VAL F 45 -0.99 -12.77 -32.91
CA VAL F 45 -0.61 -12.04 -34.16
C VAL F 45 0.63 -11.18 -33.90
N VAL F 46 0.68 -10.54 -32.75
CA VAL F 46 1.86 -9.75 -32.37
C VAL F 46 3.07 -10.70 -32.31
N GLU F 47 2.89 -11.87 -31.70
CA GLU F 47 4.01 -12.80 -31.57
C GLU F 47 4.41 -13.36 -32.93
N LEU F 48 3.42 -13.64 -33.78
CA LEU F 48 3.67 -14.07 -35.15
C LEU F 48 4.50 -13.05 -35.92
N ILE F 49 4.12 -11.77 -35.85
CA ILE F 49 4.86 -10.74 -36.57
C ILE F 49 6.32 -10.73 -36.12
N MET F 50 6.55 -10.79 -34.80
CA MET F 50 7.91 -10.84 -34.29
C MET F 50 8.64 -12.08 -34.79
N ALA F 51 7.96 -13.23 -34.78
CA ALA F 51 8.57 -14.46 -35.28
C ALA F 51 8.98 -14.32 -36.75
N LEU F 52 8.12 -13.72 -37.58
CA LEU F 52 8.51 -13.44 -38.95
C LEU F 52 9.62 -12.40 -39.03
N GLU F 53 9.59 -11.39 -38.15
CA GLU F 53 10.53 -10.30 -38.25
C GLU F 53 11.97 -10.74 -38.08
N GLU F 54 12.21 -11.75 -37.25
CA GLU F 54 13.62 -12.08 -37.03
C GLU F 54 14.04 -13.35 -37.77
N LYS F 55 13.10 -14.09 -38.37
CA LYS F 55 13.51 -15.05 -39.40
C LYS F 55 13.94 -14.34 -40.68
N PHE F 56 13.20 -13.32 -41.10
CA PHE F 56 13.49 -12.64 -42.35
C PHE F 56 14.27 -11.35 -42.16
N GLY F 57 14.71 -11.05 -40.94
CA GLY F 57 15.52 -9.87 -40.68
C GLY F 57 14.96 -8.58 -41.22
N ILE F 58 13.72 -8.27 -40.84
CA ILE F 58 13.05 -7.03 -41.24
C ILE F 58 12.35 -6.42 -40.03
N GLU F 59 12.08 -5.13 -40.13
CA GLU F 59 11.23 -4.42 -39.18
C GLU F 59 9.93 -4.08 -39.89
N ILE F 60 8.82 -4.61 -39.37
CA ILE F 60 7.50 -4.22 -39.84
C ILE F 60 6.96 -3.16 -38.87
N PRO F 61 6.92 -1.89 -39.26
CA PRO F 61 6.35 -0.87 -38.38
C PRO F 61 4.91 -1.21 -37.99
N ASP F 62 4.60 -0.93 -36.72
CA ASP F 62 3.29 -1.16 -36.13
C ASP F 62 2.17 -0.78 -37.08
N GLU F 63 2.31 0.36 -37.75
CA GLU F 63 1.25 0.88 -38.61
C GLU F 63 1.05 -0.03 -39.82
N GLN F 64 2.15 -0.52 -40.40
CA GLN F 64 2.10 -1.57 -41.43
C GLN F 64 1.48 -2.83 -40.87
N ALA F 65 1.97 -3.27 -39.70
CA ALA F 65 1.63 -4.60 -39.20
C ALA F 65 0.15 -4.70 -38.87
N GLU F 66 -0.48 -3.57 -38.52
CA GLU F 66 -1.91 -3.57 -38.23
C GLU F 66 -2.73 -4.06 -39.40
N LYS F 67 -2.24 -3.88 -40.62
CA LYS F 67 -2.97 -4.23 -41.83
C LYS F 67 -2.66 -5.64 -42.31
N ILE F 68 -1.74 -6.36 -41.65
CA ILE F 68 -1.37 -7.71 -42.05
C ILE F 68 -2.34 -8.67 -41.37
N VAL F 69 -3.30 -9.20 -42.14
CA VAL F 69 -4.43 -9.93 -41.58
C VAL F 69 -4.42 -11.38 -42.06
N ASN F 70 -3.93 -11.61 -43.28
CA ASN F 70 -3.90 -12.96 -43.82
C ASN F 70 -2.50 -13.34 -44.30
N VAL F 71 -2.35 -14.63 -44.61
CA VAL F 71 -1.04 -15.17 -45.01
C VAL F 71 -0.50 -14.43 -46.22
N GLY F 72 -1.36 -14.15 -47.20
CA GLY F 72 -0.88 -13.47 -48.40
C GLY F 72 -0.31 -12.09 -48.11
N ASP F 73 -0.89 -11.39 -47.13
CA ASP F 73 -0.37 -10.08 -46.74
C ASP F 73 1.11 -10.18 -46.36
N VAL F 74 1.48 -11.27 -45.67
CA VAL F 74 2.86 -11.46 -45.24
C VAL F 74 3.75 -11.71 -46.44
N VAL F 75 3.32 -12.60 -47.33
CA VAL F 75 4.07 -12.87 -48.55
C VAL F 75 4.31 -11.58 -49.32
N LYS F 76 3.24 -10.82 -49.58
CA LYS F 76 3.41 -9.57 -50.31
C LYS F 76 4.34 -8.63 -49.59
N TYR F 77 4.26 -8.58 -48.26
CA TYR F 77 5.06 -7.61 -47.55
C TYR F 77 6.55 -7.92 -47.68
N ILE F 78 6.94 -9.18 -47.44
CA ILE F 78 8.35 -9.57 -47.50
C ILE F 78 8.86 -9.36 -48.92
N GLU F 79 8.28 -10.11 -49.85
CA GLU F 79 8.38 -9.91 -51.29
C GLU F 79 8.22 -8.48 -51.82
N ASP F 80 7.60 -7.57 -51.08
CA ASP F 80 7.77 -6.16 -51.47
C ASP F 80 8.84 -5.48 -50.63
N ASN F 81 8.63 -4.19 -50.40
CA ASN F 81 9.38 -3.36 -49.46
C ASN F 81 10.23 -4.14 -48.46
O5B NAP G . -18.92 -15.68 5.51
C5B NAP G . -20.23 -16.18 5.14
C4B NAP G . -20.76 -17.05 6.25
O4B NAP G . -20.65 -16.34 7.51
C3B NAP G . -22.24 -17.48 6.14
O3B NAP G . -22.33 -18.88 5.96
C2B NAP G . -22.86 -17.07 7.47
O2B NAP G . -23.61 -18.16 7.97
C1B NAP G . -21.64 -16.86 8.36
N9A NAP G . -21.86 -15.92 9.45
C8A NAP G . -22.16 -14.58 9.35
N7A NAP G . -22.27 -14.00 10.51
C5A NAP G . -22.00 -15.00 11.43
C6A NAP G . -21.97 -15.01 12.84
N6A NAP G . -22.20 -13.94 13.58
N1A NAP G . -21.66 -16.18 13.45
C2A NAP G . -21.44 -17.26 12.69
N3A NAP G . -21.46 -17.37 11.36
C4A NAP G . -21.75 -16.20 10.79
P2B NAP G . -24.96 -17.67 8.68
O1X NAP G . -24.57 -17.19 10.06
O2X NAP G . -25.88 -18.87 8.75
O3X NAP G . -25.50 -16.57 7.82
PA NAP H . 26.79 -8.91 -4.73
O1A NAP H . 26.38 -7.61 -4.13
O2A NAP H . 27.39 -9.94 -3.83
O5B NAP H . 25.53 -9.55 -5.49
C5B NAP H . 24.57 -10.28 -4.69
C4B NAP H . 24.20 -11.58 -5.38
O4B NAP H . 23.58 -11.28 -6.65
C3B NAP H . 25.37 -12.53 -5.70
O3B NAP H . 24.98 -13.89 -5.62
C2B NAP H . 25.72 -12.13 -7.13
O2B NAP H . 26.30 -13.20 -7.84
C1B NAP H . 24.34 -11.84 -7.69
N9A NAP H . 24.38 -10.91 -8.80
C8A NAP H . 24.50 -9.54 -8.73
N7A NAP H . 24.51 -8.96 -9.89
C5A NAP H . 24.39 -10.01 -10.80
C6A NAP H . 24.34 -10.03 -12.20
N6A NAP H . 24.41 -8.94 -12.96
N1A NAP H . 24.22 -11.24 -12.80
C2A NAP H . 24.14 -12.33 -12.02
N3A NAP H . 24.18 -12.42 -10.70
C4A NAP H . 24.30 -11.21 -10.13
O3 NAP H . 27.78 -8.60 -5.94
P2B NAP H . 27.82 -12.87 -8.26
O1X NAP H . 27.82 -11.46 -8.80
O2X NAP H . 28.17 -13.88 -9.32
O3X NAP H . 28.67 -13.02 -7.03
O5B NAP I . 7.13 15.71 -19.96
C5B NAP I . 7.21 17.05 -19.44
C4B NAP I . 8.40 17.75 -20.03
O4B NAP I . 9.60 17.09 -19.59
C3B NAP I . 8.51 17.80 -21.57
O3B NAP I . 8.33 19.11 -22.07
C2B NAP I . 9.93 17.32 -21.88
O2B NAP I . 10.61 18.20 -22.76
C1B NAP I . 10.59 17.47 -20.52
N9A NAP I . 11.76 16.62 -20.36
C8A NAP I . 11.84 15.27 -20.54
N7A NAP I . 13.03 14.79 -20.34
C5A NAP I . 13.80 15.90 -20.02
C6A NAP I . 15.16 16.04 -19.71
N6A NAP I . 16.00 15.01 -19.67
N1A NAP I . 15.61 17.29 -19.43
C2A NAP I . 14.74 18.31 -19.49
N3A NAP I . 13.44 18.29 -19.78
C4A NAP I . 13.03 17.04 -20.03
P2B NAP I . 10.87 17.62 -24.23
O1X NAP I . 12.28 18.01 -24.65
O2X NAP I . 10.68 16.13 -24.17
O3X NAP I . 9.83 18.31 -25.07
C1 UHC J . -2.06 -2.91 44.04
O1 UHC J . -2.72 -2.01 43.52
S1 UHC J . -2.64 -4.48 44.49
C2 UHC J . -0.58 -2.69 44.32
C3 UHC J . -0.05 -2.12 43.04
O3 UHC J . -0.26 -2.68 41.97
C4 UHC J . 0.72 -0.81 43.13
C5 UHC J . 1.35 -0.57 41.75
C6 UHC J . 2.85 -0.38 41.92
C7 UHC J . 3.13 1.10 42.19
C8 UHC J . 3.64 1.23 43.62
O23 UHC J . -2.74 -13.29 39.69
P24 UHC J . -2.06 -12.50 40.74
O26 UHC J . -1.17 -13.37 41.76
O27 UHC J . -3.01 -11.56 41.63
C28 UHC J . -4.35 -11.34 41.40
C29 UHC J . -5.06 -11.24 42.76
C30 UHC J . -4.12 -10.49 43.71
C31 UHC J . -5.22 -12.69 43.24
C32 UHC J . -6.45 -10.55 42.75
O33 UHC J . -6.58 -9.43 41.86
C34 UHC J . -6.98 -9.67 43.98
O35 UHC J . -7.05 -10.68 44.68
N36 UHC J . -7.60 -8.54 44.41
C37 UHC J . -7.68 -7.20 43.81
C38 UHC J . -7.93 -6.23 44.99
C39 UHC J . -6.60 -5.59 45.32
O40 UHC J . -5.75 -6.22 45.94
N41 UHC J . -6.47 -4.34 44.89
C42 UHC J . -5.23 -3.60 45.09
C43 UHC J . -4.37 -4.19 43.98
O3 PN7 K . -4.25 -5.32 -26.25
O4 PN7 K . -1.87 -4.39 -28.15
C2 PN7 K . -2.87 -7.09 -27.29
C1 PN7 K . -4.05 -8.01 -27.08
P PN7 K . -6.34 -8.60 -28.08
O1P PN7 K . -6.60 -9.46 -26.96
O2P PN7 K . -7.32 -7.89 -28.82
O3P PN7 K . -5.16 -7.60 -27.81
CE1 PN7 K . -1.73 -7.76 -26.63
CE2 PN7 K . -2.59 -6.96 -28.77
C3 PN7 K . -2.96 -5.77 -26.55
C4 PN7 K . -2.11 -4.63 -27.05
N5 PN7 K . -1.66 -3.88 -26.09
C6 PN7 K . -0.82 -2.72 -26.16
C7 PN7 K . -1.69 -1.64 -25.60
C8 PN7 K . -0.93 -0.64 -24.75
O8 PN7 K . -1.40 -0.27 -23.74
N9 PN7 K . 0.22 -0.08 -25.11
C10 PN7 K . 0.92 0.92 -24.34
C11 PN7 K . 0.02 2.15 -24.12
S12 PN7 K . -0.57 2.66 -22.47
#